data_7X42
#
_entry.id   7X42
#
_cell.length_a   1.00
_cell.length_b   1.00
_cell.length_c   1.00
_cell.angle_alpha   90.00
_cell.angle_beta   90.00
_cell.angle_gamma   90.00
#
_symmetry.space_group_name_H-M   'P 1'
#
loop_
_entity.id
_entity.type
_entity.pdbx_description
1 polymer '8A10 light chain'
2 polymer '8A10 heavy chain'
3 polymer 'Virion protein 1'
4 polymer 'Capsid protein VP0'
5 polymer VP3
6 polymer 'Capsid protein VP4'
#
loop_
_entity_poly.entity_id
_entity_poly.type
_entity_poly.pdbx_seq_one_letter_code
_entity_poly.pdbx_strand_id
1 'polypeptide(L)'
;DIQMTQTKSSLSASLGDRVTISCRASQDISNYLNWYQQKPDGSVKLLIYYTSTLHSGVPSRFSGSGSGTDYSLTINSLEQ
EDIATYFCQQGNTFPFTFGGGTKLEIRR
;
L
2 'polypeptide(L)'
;QVQLQQSAAELARPGASVKMSCKASGYTFTTYTMHWVKQRPGQGLEWIGYINPSSRYTEYNQKFKDKTTLTADKSSSTAY
MQLSSLTFEDSAVYYCARRSEADRFVYWGQGTLVTVSA
;
H
3 'polypeptide(L)'
;GPVEESVDRAVARVADTISSRPTNSESIPALTAAETGHTSQVVPSDTMQTRHVKNYHSRSESSIENFLCRSACVYYATYT
NNSKKGFAEWVINTRQVAQLRRKLELFTYLRFDLELTFVITSAQQPSTASSVDAPVQTHQIMYVPPGGPVPTKVKDYAWQ
TSTNPSVFWTEGNAPPRMSIPFISIGNAYSCFYDGWTQFSRNGVYGINTLNNMGTLYMRHVNEAGQGPIKSTVRIYFKPK
HVKAWVPRPPRLCQYEKQKNVNFSPIGVTTSRTDIITT
;
A
4 'polypeptide(L)'
;SPSAEECGYSDRVRSITLGNSTITTQECANVVVGYGVWPEYLKDNEATAEDQPTQPDVATCRFYTLESVQWMKNSAGWWW
KLPDALSQMGLFGQNMQYHYLGRTGYTIHVQCNASKFHQGCLLVVCVPEAEMGCSNLNNTPEFSELSGGDSARMFTDTQV
GESNAKKVQTAVWNAGMGVGVGNLTIFPHQWINLRTNNSATLVMPYINSVPMDNMFRHNNLTLMIIPFVPLNYSEGSSPY
VPITVTIAPMCAEYNGLRLASNQ
;
B
5 'polypeptide(L)'
;GLPVMTTPGSTQFLTSDDFQSPSAMPQFDVTPEMQIPGRVNNLMEIAEVDSVVPVNNTEDNVSSLKAYQIPVQSNSDNGK
QVFGFPLQPGANNVLNRTLLGEILNYYTHWSGSIKLTFMFCGSAMATGKFLLAYSPPGAGVPKNRKDAMLGTHVIWDVGL
QSSCVLCVPWISQTHYRYVVEDEYTAAGYVTCWYQTNIVVPADVQSSCDILCFVSACNDFSVRMLKDTPFIRQDTFYQ
;
C
6 'polypeptide(L)' MGAQVSTQKTGAHETGLNASGNSVIHYTNINYYKDAASNSANRQDFTQDPGKFTEPVKDIMVKTMPALN D
#
# COMPACT_ATOMS: atom_id res chain seq x y z
N ASP A 1 15.53 7.06 27.17
CA ASP A 1 16.83 7.39 26.58
C ASP A 1 17.75 6.18 26.70
N ILE A 2 18.53 5.94 25.65
CA ILE A 2 19.52 4.88 25.63
C ILE A 2 20.89 5.54 25.67
N GLN A 3 21.67 5.19 26.68
CA GLN A 3 23.03 5.70 26.77
C GLN A 3 23.91 5.05 25.71
N MET A 4 24.71 5.85 25.04
CA MET A 4 25.60 5.36 23.98
C MET A 4 27.03 5.71 24.37
N THR A 5 27.72 4.75 24.96
CA THR A 5 29.11 4.92 25.37
C THR A 5 30.02 4.42 24.26
N GLN A 6 31.19 5.03 24.14
CA GLN A 6 32.05 4.73 23.01
C GLN A 6 33.53 4.92 23.34
N SER A 9 37.36 6.06 22.47
CA SER A 9 37.39 7.50 22.68
C SER A 9 38.24 8.21 21.62
N SER A 10 39.55 7.94 21.61
CA SER A 10 40.44 8.53 20.63
C SER A 10 41.48 7.49 20.25
N LEU A 11 41.61 7.20 18.96
CA LEU A 11 42.44 6.11 18.49
C LEU A 11 43.46 6.60 17.47
N SER A 12 44.67 6.05 17.55
CA SER A 12 45.75 6.36 16.62
C SER A 12 46.31 5.07 16.03
N ALA A 13 46.59 5.11 14.73
CA ALA A 13 47.16 3.96 14.04
C ALA A 13 47.88 4.42 12.78
N SER A 14 48.72 3.54 12.25
CA SER A 14 49.52 3.86 11.09
C SER A 14 48.82 3.47 9.80
N LEU A 15 49.58 3.48 8.71
CA LEU A 15 49.02 3.16 7.40
C LEU A 15 48.86 1.66 7.23
N GLY A 16 47.72 1.27 6.64
CA GLY A 16 47.53 -0.09 6.18
C GLY A 16 47.44 -1.15 7.24
N ASP A 17 47.07 -0.80 8.46
CA ASP A 17 46.89 -1.78 9.52
C ASP A 17 45.40 -2.04 9.72
N ARG A 18 45.10 -3.06 10.52
CA ARG A 18 43.73 -3.38 10.90
C ARG A 18 43.40 -2.60 12.16
N VAL A 19 42.33 -1.81 12.10
CA VAL A 19 41.87 -1.03 13.24
C VAL A 19 40.46 -1.47 13.57
N THR A 20 40.01 -1.16 14.78
CA THR A 20 38.65 -1.46 15.20
C THR A 20 38.14 -0.36 16.12
N ILE A 21 36.86 -0.06 16.01
CA ILE A 21 36.16 0.87 16.90
C ILE A 21 34.99 0.12 17.50
N SER A 22 34.80 0.26 18.81
CA SER A 22 33.73 -0.43 19.50
C SER A 22 32.91 0.54 20.33
N CYS A 23 31.59 0.37 20.29
CA CYS A 23 30.70 1.12 21.15
C CYS A 23 29.58 0.19 21.62
N ARG A 24 29.10 0.42 22.83
CA ARG A 24 28.05 -0.38 23.43
C ARG A 24 26.90 0.54 23.84
N ALA A 25 25.76 -0.06 24.11
CA ALA A 25 24.59 0.71 24.51
C ALA A 25 24.34 0.56 26.00
N SER A 26 23.23 1.12 26.47
CA SER A 26 22.80 0.96 27.84
C SER A 26 22.06 -0.35 28.05
N GLN A 27 21.20 -0.73 27.11
CA GLN A 27 20.55 -2.03 27.12
C GLN A 27 20.69 -2.67 25.74
N ASP A 28 20.02 -3.79 25.52
CA ASP A 28 20.03 -4.43 24.22
C ASP A 28 19.26 -3.59 23.22
N ILE A 29 19.77 -3.51 22.00
CA ILE A 29 19.13 -2.76 20.93
C ILE A 29 18.62 -3.67 19.83
N SER A 30 18.96 -4.95 19.86
CA SER A 30 18.55 -5.97 18.89
C SER A 30 18.98 -5.59 17.47
N ASN A 31 20.28 -5.33 17.32
CA ASN A 31 20.97 -5.19 16.03
C ASN A 31 20.46 -4.04 15.18
N TYR A 32 19.98 -2.96 15.82
CA TYR A 32 19.57 -1.76 15.09
C TYR A 32 20.64 -0.69 15.31
N LEU A 33 21.67 -0.72 14.48
CA LEU A 33 22.78 0.20 14.62
C LEU A 33 23.23 0.71 13.27
N ASN A 34 23.71 1.95 13.25
CA ASN A 34 24.29 2.56 12.06
C ASN A 34 25.68 3.08 12.39
N TRP A 35 26.45 3.35 11.36
CA TRP A 35 27.78 3.94 11.50
C TRP A 35 27.93 5.08 10.51
N TYR A 36 28.16 6.27 11.02
CA TYR A 36 28.32 7.45 10.18
C TYR A 36 29.77 7.90 10.21
N GLN A 37 30.10 8.80 9.28
CA GLN A 37 31.43 9.36 9.19
C GLN A 37 31.32 10.84 8.93
N GLN A 38 31.92 11.64 9.79
CA GLN A 38 31.94 13.09 9.63
C GLN A 38 33.34 13.48 9.20
N LYS A 39 33.45 13.94 7.95
CA LYS A 39 34.73 14.29 7.37
C LYS A 39 35.31 15.54 8.04
N PRO A 40 36.63 15.74 7.96
CA PRO A 40 37.25 16.91 8.58
C PRO A 40 36.77 18.25 8.05
N ASP A 41 36.34 18.35 6.79
CA ASP A 41 35.82 19.61 6.30
C ASP A 41 34.40 19.88 6.75
N GLY A 42 33.67 18.86 7.17
CA GLY A 42 32.32 19.05 7.67
C GLY A 42 31.26 18.41 6.82
N SER A 43 31.60 17.32 6.14
CA SER A 43 30.62 16.56 5.38
C SER A 43 30.37 15.22 6.07
N VAL A 44 29.15 14.71 5.94
CA VAL A 44 28.68 13.56 6.68
C VAL A 44 28.03 12.58 5.71
N LYS A 45 28.43 11.31 5.79
CA LYS A 45 27.82 10.27 4.97
C LYS A 45 27.67 9.00 5.78
N LEU A 46 26.93 8.05 5.21
CA LEU A 46 26.58 6.81 5.88
C LEU A 46 27.37 5.65 5.29
N LEU A 47 27.94 4.81 6.15
CA LEU A 47 28.69 3.63 5.70
C LEU A 47 27.89 2.34 5.83
N ILE A 48 27.48 1.99 7.04
CA ILE A 48 26.85 0.70 7.30
C ILE A 48 25.49 0.97 7.93
N TYR A 49 24.43 0.70 7.16
CA TYR A 49 23.07 1.01 7.59
C TYR A 49 22.46 -0.13 8.39
N TYR A 50 23.26 -1.10 8.81
CA TYR A 50 22.84 -2.16 9.71
C TYR A 50 24.07 -2.53 10.52
N THR A 51 24.08 -3.73 11.08
CA THR A 51 25.28 -4.17 11.78
C THR A 51 26.40 -4.49 10.81
N SER A 52 26.06 -4.97 9.61
CA SER A 52 27.08 -5.47 8.69
C SER A 52 26.97 -4.99 7.25
N THR A 53 25.79 -4.58 6.80
CA THR A 53 25.54 -4.36 5.39
C THR A 53 25.98 -2.97 4.98
N LEU A 54 26.87 -2.89 3.99
CA LEU A 54 27.45 -1.63 3.57
C LEU A 54 26.48 -0.83 2.72
N HIS A 55 26.66 0.49 2.71
CA HIS A 55 25.92 1.32 1.80
C HIS A 55 26.52 1.23 0.40
N SER A 56 25.70 1.51 -0.61
CA SER A 56 26.20 1.56 -1.97
C SER A 56 27.07 2.79 -2.17
N GLY A 57 28.25 2.59 -2.75
CA GLY A 57 29.12 3.70 -3.11
C GLY A 57 30.34 3.88 -2.25
N VAL A 58 30.49 3.12 -1.17
CA VAL A 58 31.66 3.21 -0.30
C VAL A 58 32.58 2.05 -0.64
N PRO A 59 33.88 2.14 -0.36
CA PRO A 59 34.76 0.99 -0.57
C PRO A 59 34.43 -0.16 0.37
N SER A 60 34.82 -1.35 -0.06
CA SER A 60 34.55 -2.57 0.68
C SER A 60 35.58 -2.86 1.76
N ARG A 61 36.42 -1.87 2.12
CA ARG A 61 37.38 -2.09 3.18
C ARG A 61 36.73 -2.14 4.56
N PHE A 62 35.57 -1.51 4.70
CA PHE A 62 34.90 -1.42 5.99
C PHE A 62 34.07 -2.66 6.25
N SER A 63 33.98 -3.02 7.52
CA SER A 63 33.14 -4.14 7.95
C SER A 63 32.77 -3.94 9.40
N GLY A 64 31.56 -4.37 9.75
CA GLY A 64 31.05 -4.22 11.10
C GLY A 64 30.53 -5.54 11.64
N SER A 65 30.66 -5.72 12.95
CA SER A 65 30.21 -6.93 13.61
C SER A 65 29.80 -6.60 15.04
N GLY A 66 29.32 -7.62 15.74
CA GLY A 66 28.86 -7.46 17.11
C GLY A 66 27.40 -7.83 17.25
N SER A 67 26.99 -8.19 18.46
CA SER A 67 25.61 -8.56 18.70
C SER A 67 25.24 -8.24 20.15
N GLY A 68 23.96 -8.01 20.39
CA GLY A 68 23.49 -7.79 21.73
C GLY A 68 23.74 -6.37 22.19
N THR A 69 24.74 -6.21 23.06
CA THR A 69 25.13 -4.89 23.54
C THR A 69 26.39 -4.38 22.86
N ASP A 70 27.37 -5.26 22.61
CA ASP A 70 28.67 -4.85 22.11
C ASP A 70 28.71 -4.98 20.60
N TYR A 71 29.18 -3.93 19.93
CA TYR A 71 29.25 -3.88 18.49
C TYR A 71 30.58 -3.25 18.08
N SER A 72 31.09 -3.70 16.94
CA SER A 72 32.43 -3.31 16.53
C SER A 72 32.43 -2.93 15.06
N LEU A 73 33.22 -1.91 14.75
CA LEU A 73 33.43 -1.44 13.39
C LEU A 73 34.89 -1.62 13.05
N THR A 74 35.16 -2.31 11.95
CA THR A 74 36.52 -2.72 11.61
C THR A 74 36.91 -2.21 10.24
N ILE A 75 38.13 -1.67 10.12
CA ILE A 75 38.74 -1.34 8.85
C ILE A 75 39.99 -2.18 8.72
N ASN A 76 40.10 -2.93 7.62
CA ASN A 76 41.25 -3.80 7.43
C ASN A 76 42.51 -3.06 7.05
N SER A 77 42.39 -1.97 6.29
CA SER A 77 43.55 -1.28 5.76
C SER A 77 43.30 0.21 5.84
N LEU A 78 44.18 0.94 6.51
CA LEU A 78 43.97 2.36 6.74
C LEU A 78 44.63 3.17 5.64
N GLU A 79 43.95 4.22 5.18
CA GLU A 79 44.44 5.12 4.15
C GLU A 79 44.15 6.57 4.55
N GLN A 80 44.49 7.50 3.65
CA GLN A 80 44.39 8.93 3.96
C GLN A 80 42.97 9.45 3.99
N GLU A 81 42.11 8.99 3.08
CA GLU A 81 40.76 9.50 2.98
C GLU A 81 39.86 9.03 4.11
N ASP A 82 40.32 8.07 4.92
CA ASP A 82 39.53 7.54 6.00
C ASP A 82 39.76 8.27 7.31
N ILE A 83 40.69 9.22 7.33
CA ILE A 83 41.06 9.92 8.56
C ILE A 83 39.95 10.93 8.87
N ALA A 84 39.02 10.53 9.73
CA ALA A 84 37.92 11.38 10.15
C ALA A 84 37.43 10.87 11.49
N THR A 85 36.27 11.36 11.93
CA THR A 85 35.61 10.84 13.10
C THR A 85 34.43 9.97 12.69
N TYR A 86 33.99 9.10 13.60
CA TYR A 86 32.96 8.13 13.31
C TYR A 86 32.02 8.07 14.50
N PHE A 87 30.73 7.88 14.23
CA PHE A 87 29.73 7.77 15.29
C PHE A 87 28.87 6.54 15.10
N CYS A 88 28.36 6.02 16.19
CA CYS A 88 27.30 5.02 16.19
C CYS A 88 26.05 5.65 16.78
N GLN A 89 24.90 5.18 16.31
CA GLN A 89 23.63 5.77 16.67
C GLN A 89 22.58 4.67 16.71
N GLN A 90 21.86 4.59 17.82
CA GLN A 90 20.81 3.58 17.97
C GLN A 90 19.61 3.99 17.13
N GLY A 91 18.79 3.00 16.80
CA GLY A 91 17.58 3.26 16.07
C GLY A 91 16.43 2.43 16.60
N ASN A 92 16.54 2.03 17.87
CA ASN A 92 15.55 1.14 18.44
C ASN A 92 14.41 1.87 19.14
N THR A 93 14.73 2.78 20.06
CA THR A 93 13.72 3.43 20.86
C THR A 93 13.72 4.93 20.63
N PHE A 94 12.54 5.52 20.75
CA PHE A 94 12.41 6.96 20.75
C PHE A 94 13.01 7.51 22.05
N PRO A 95 13.81 8.58 21.99
CA PRO A 95 14.27 9.25 20.78
C PRO A 95 15.63 8.72 20.32
N PHE A 96 16.07 9.17 19.15
CA PHE A 96 17.36 8.73 18.63
C PHE A 96 18.49 9.36 19.43
N THR A 97 19.38 8.51 19.92
CA THR A 97 20.56 8.98 20.65
C THR A 97 21.81 8.62 19.85
N PHE A 98 22.73 9.55 19.78
CA PHE A 98 23.98 9.36 19.05
C PHE A 98 25.10 9.00 20.03
N GLY A 99 26.17 8.48 19.48
CA GLY A 99 27.33 8.19 20.27
C GLY A 99 28.24 9.39 20.39
N GLY A 100 29.37 9.17 21.05
CA GLY A 100 30.36 10.21 21.15
C GLY A 100 31.28 10.23 19.94
N GLY A 101 32.17 11.21 19.94
CA GLY A 101 33.16 11.29 18.89
C GLY A 101 34.26 10.26 19.06
N THR A 102 34.84 9.85 17.93
CA THR A 102 35.97 8.94 17.93
C THR A 102 36.87 9.31 16.77
N LYS A 103 37.97 9.99 17.06
CA LYS A 103 38.85 10.55 16.05
C LYS A 103 39.85 9.50 15.58
N LEU A 104 40.35 9.66 14.37
CA LEU A 104 41.45 8.83 13.88
C LEU A 104 42.65 9.69 13.53
N GLU A 105 43.84 9.13 13.73
CA GLU A 105 45.07 9.89 13.54
C GLU A 105 46.23 8.92 13.29
N ILE A 106 47.35 9.49 12.85
CA ILE A 106 48.51 8.72 12.44
C ILE A 106 49.26 8.26 13.68
N ARG A 107 50.05 7.19 13.53
CA ARG A 107 50.73 6.60 14.67
C ARG A 107 51.90 7.47 15.14
N ARG A 108 52.91 7.65 14.30
CA ARG A 108 54.10 8.39 14.71
C ARG A 108 54.38 9.58 13.80
N VAL B 2 20.16 15.46 -6.36
CA VAL B 2 19.53 15.68 -5.08
C VAL B 2 20.57 16.05 -4.01
N GLN B 3 20.27 17.11 -3.26
CA GLN B 3 21.10 17.55 -2.14
C GLN B 3 20.28 18.47 -1.25
N LEU B 4 20.79 18.69 -0.05
CA LEU B 4 20.16 19.56 0.93
C LEU B 4 21.04 20.78 1.15
N GLN B 5 20.46 21.96 0.99
CA GLN B 5 21.23 23.20 0.98
C GLN B 5 20.81 24.06 2.17
N GLN B 6 21.74 24.33 3.07
CA GLN B 6 21.44 25.20 4.20
C GLN B 6 21.80 26.65 3.84
N SER B 7 21.55 27.54 4.78
CA SER B 7 21.89 28.94 4.62
C SER B 7 23.33 29.18 5.08
N ALA B 8 23.71 30.45 5.23
CA ALA B 8 25.04 30.80 5.66
C ALA B 8 25.10 30.86 7.19
N ALA B 9 26.24 31.29 7.71
CA ALA B 9 26.41 31.42 9.15
C ALA B 9 25.92 32.78 9.62
N GLU B 10 25.34 32.79 10.83
CA GLU B 10 24.74 34.01 11.37
C GLU B 10 25.31 34.29 12.75
N LEU B 11 24.86 35.41 13.31
CA LEU B 11 25.24 35.81 14.66
C LEU B 11 24.09 36.60 15.25
N ALA B 12 23.86 36.44 16.55
CA ALA B 12 22.71 37.07 17.17
C ALA B 12 23.02 37.45 18.60
N ARG B 13 22.23 38.37 19.13
CA ARG B 13 22.29 38.75 20.53
C ARG B 13 21.78 37.60 21.40
N PRO B 14 22.30 37.47 22.61
CA PRO B 14 21.78 36.46 23.54
C PRO B 14 20.37 36.83 24.00
N GLY B 15 19.43 35.93 23.74
CA GLY B 15 18.03 36.17 24.03
C GLY B 15 17.20 36.47 22.81
N ALA B 16 17.83 36.69 21.66
CA ALA B 16 17.12 37.04 20.44
C ALA B 16 16.63 35.78 19.74
N SER B 17 16.21 35.91 18.48
CA SER B 17 15.77 34.80 17.67
C SER B 17 16.47 34.82 16.32
N VAL B 18 16.58 33.64 15.72
CA VAL B 18 17.21 33.48 14.42
C VAL B 18 16.38 32.47 13.63
N LYS B 19 16.50 32.52 12.32
CA LYS B 19 15.78 31.60 11.45
C LYS B 19 16.70 31.18 10.32
N MET B 20 16.92 29.89 10.20
CA MET B 20 17.75 29.37 9.13
C MET B 20 16.86 28.74 8.05
N SER B 21 17.50 28.10 7.07
CA SER B 21 16.77 27.50 5.98
C SER B 21 17.44 26.21 5.58
N CYS B 22 16.67 25.32 4.96
CA CYS B 22 17.20 24.05 4.46
C CYS B 22 16.57 23.82 3.10
N LYS B 23 17.26 24.23 2.05
CA LYS B 23 16.74 24.17 0.69
C LYS B 23 16.87 22.75 0.17
N ALA B 24 15.74 22.12 -0.11
CA ALA B 24 15.71 20.77 -0.65
C ALA B 24 15.45 20.81 -2.15
N SER B 25 16.25 20.04 -2.90
CA SER B 25 16.12 20.01 -4.35
C SER B 25 16.45 18.60 -4.83
N GLY B 26 16.05 18.30 -6.05
CA GLY B 26 16.37 17.04 -6.67
C GLY B 26 15.42 15.91 -6.36
N TYR B 27 14.44 16.13 -5.51
CA TYR B 27 13.47 15.10 -5.16
C TYR B 27 12.19 15.80 -4.72
N THR B 28 11.10 15.05 -4.69
CA THR B 28 9.79 15.60 -4.36
C THR B 28 9.74 15.97 -2.89
N PHE B 29 9.33 17.21 -2.60
CA PHE B 29 9.50 17.74 -1.27
C PHE B 29 8.51 17.16 -0.27
N THR B 30 7.26 16.99 -0.67
CA THR B 30 6.20 16.63 0.27
C THR B 30 6.21 15.16 0.66
N THR B 31 7.02 14.34 0.00
CA THR B 31 7.00 12.91 0.26
C THR B 31 7.66 12.55 1.57
N TYR B 32 8.93 12.89 1.74
CA TYR B 32 9.72 12.43 2.85
C TYR B 32 9.64 13.42 4.00
N THR B 33 10.09 13.00 5.16
CA THR B 33 10.17 13.87 6.32
C THR B 33 11.49 14.62 6.33
N MET B 34 11.70 15.42 7.35
CA MET B 34 12.92 16.20 7.51
C MET B 34 13.18 16.45 8.98
N HIS B 35 14.45 16.32 9.38
CA HIS B 35 14.84 16.41 10.78
C HIS B 35 15.85 17.52 10.99
N TRP B 36 16.21 17.74 12.25
CA TRP B 36 17.22 18.72 12.61
C TRP B 36 18.01 18.18 13.79
N VAL B 37 19.34 18.15 13.65
CA VAL B 37 20.23 17.73 14.73
C VAL B 37 21.15 18.88 15.07
N LYS B 38 21.76 18.81 16.24
CA LYS B 38 22.64 19.86 16.73
C LYS B 38 23.88 19.23 17.34
N GLN B 39 25.05 19.70 16.90
CA GLN B 39 26.33 19.22 17.40
C GLN B 39 27.09 20.38 18.01
N ARG B 40 27.25 20.35 19.33
CA ARG B 40 28.19 21.25 19.97
C ARG B 40 29.61 20.84 19.62
N PRO B 41 30.55 21.81 19.49
CA PRO B 41 31.88 21.49 18.95
C PRO B 41 32.73 20.59 19.83
N GLY B 42 32.44 20.49 21.12
CA GLY B 42 33.22 19.61 21.97
C GLY B 42 32.41 18.42 22.43
N GLN B 43 31.26 18.20 21.81
CA GLN B 43 30.33 17.16 22.23
C GLN B 43 30.03 16.27 21.03
N GLY B 44 29.07 15.36 21.23
CA GLY B 44 28.58 14.52 20.17
C GLY B 44 27.43 15.15 19.42
N LEU B 45 26.51 14.31 18.97
CA LEU B 45 25.34 14.78 18.26
C LEU B 45 24.10 14.65 19.15
N GLU B 46 23.11 15.50 18.88
CA GLU B 46 21.86 15.48 19.62
C GLU B 46 20.72 15.71 18.64
N TRP B 47 19.68 14.89 18.74
CA TRP B 47 18.51 15.06 17.90
C TRP B 47 17.55 16.05 18.55
N ILE B 48 16.88 16.85 17.72
CA ILE B 48 15.99 17.89 18.23
C ILE B 48 14.55 17.54 17.89
N GLY B 49 14.26 17.43 16.60
CA GLY B 49 12.88 17.21 16.22
C GLY B 49 12.76 17.08 14.72
N TYR B 50 11.52 16.91 14.27
CA TYR B 50 11.24 16.69 12.86
C TYR B 50 9.90 17.30 12.53
N ILE B 51 9.65 17.43 11.23
CA ILE B 51 8.47 18.11 10.72
C ILE B 51 8.05 17.46 9.41
N ASN B 52 6.80 17.04 9.35
CA ASN B 52 6.24 16.47 8.14
C ASN B 52 5.60 17.57 7.32
N PRO B 53 6.12 17.85 6.12
CA PRO B 53 5.54 18.95 5.32
C PRO B 53 4.19 18.63 4.72
N SER B 54 3.80 17.36 4.66
CA SER B 54 2.50 17.01 4.10
C SER B 54 1.36 17.38 5.04
N SER B 55 1.63 17.45 6.34
CA SER B 55 0.59 17.72 7.32
C SER B 55 0.94 18.85 8.27
N ARG B 56 2.15 19.41 8.18
CA ARG B 56 2.67 20.47 9.06
C ARG B 56 2.63 20.04 10.52
N TYR B 57 3.01 18.81 10.78
CA TYR B 57 3.01 18.25 12.13
C TYR B 57 4.41 18.30 12.70
N THR B 58 4.55 18.83 13.91
CA THR B 58 5.85 18.98 14.56
C THR B 58 5.91 18.10 15.80
N GLU B 59 7.12 17.77 16.22
CA GLU B 59 7.37 16.99 17.43
C GLU B 59 8.82 17.22 17.83
N TYR B 60 9.04 17.63 19.07
CA TYR B 60 10.37 17.98 19.53
C TYR B 60 10.93 16.93 20.47
N ASN B 61 12.21 17.10 20.80
CA ASN B 61 12.79 16.40 21.93
C ASN B 61 12.47 17.16 23.22
N GLN B 62 12.64 16.48 24.35
CA GLN B 62 12.26 17.07 25.61
C GLN B 62 13.25 18.12 26.09
N LYS B 63 14.45 18.17 25.52
CA LYS B 63 15.37 19.25 25.84
C LYS B 63 15.00 20.55 25.15
N PHE B 64 14.41 20.49 23.97
CA PHE B 64 14.06 21.68 23.20
C PHE B 64 12.55 21.78 22.99
N LYS B 65 11.77 21.48 24.02
CA LYS B 65 10.32 21.50 23.87
C LYS B 65 9.78 22.92 23.85
N ASP B 66 10.54 23.86 24.39
CA ASP B 66 10.07 25.23 24.55
C ASP B 66 10.71 26.22 23.58
N LYS B 67 11.88 25.92 23.04
CA LYS B 67 12.65 26.91 22.30
C LYS B 67 12.37 26.92 20.81
N THR B 68 12.56 25.79 20.14
CA THR B 68 12.62 25.77 18.69
C THR B 68 11.22 25.68 18.08
N THR B 69 11.11 26.19 16.85
CA THR B 69 9.87 26.14 16.09
C THR B 69 10.20 25.62 14.70
N LEU B 70 9.66 24.46 14.36
CA LEU B 70 9.91 23.86 13.06
C LEU B 70 8.82 24.25 12.08
N THR B 71 9.18 25.07 11.09
CA THR B 71 8.24 25.50 10.07
C THR B 71 8.78 25.13 8.70
N ALA B 72 7.86 24.87 7.77
CA ALA B 72 8.22 24.58 6.39
C ALA B 72 7.05 24.96 5.49
N ASP B 73 7.36 25.33 4.27
CA ASP B 73 6.37 25.74 3.29
C ASP B 73 6.44 24.85 2.06
N LYS B 74 5.27 24.48 1.54
CA LYS B 74 5.21 23.57 0.40
C LYS B 74 5.67 24.21 -0.90
N SER B 75 5.69 25.54 -0.97
CA SER B 75 6.00 26.21 -2.22
C SER B 75 7.49 26.13 -2.55
N SER B 76 8.32 26.67 -1.68
CA SER B 76 9.74 26.80 -1.96
C SER B 76 10.54 25.57 -1.57
N SER B 77 9.87 24.52 -1.09
CA SER B 77 10.46 23.22 -0.75
C SER B 77 11.58 23.35 0.28
N THR B 78 11.44 24.28 1.21
CA THR B 78 12.44 24.49 2.25
C THR B 78 11.79 24.45 3.62
N ALA B 79 12.62 24.37 4.65
CA ALA B 79 12.17 24.32 6.02
C ALA B 79 12.96 25.32 6.84
N TYR B 80 12.32 25.89 7.85
CA TYR B 80 12.99 26.82 8.74
C TYR B 80 12.99 26.28 10.17
N MET B 81 14.13 26.41 10.82
CA MET B 81 14.26 26.04 12.22
C MET B 81 14.49 27.32 13.00
N GLN B 82 13.48 27.79 13.71
CA GLN B 82 13.54 29.09 14.37
C GLN B 82 13.74 28.89 15.86
N LEU B 83 14.87 29.38 16.35
CA LEU B 83 15.22 29.30 17.76
C LEU B 83 14.77 30.55 18.49
N SER B 84 14.50 30.40 19.77
CA SER B 84 14.02 31.50 20.60
C SER B 84 14.74 31.48 21.94
N SER B 85 14.90 32.68 22.51
CA SER B 85 15.61 32.92 23.77
C SER B 85 17.01 32.33 23.75
N LEU B 86 17.83 32.87 22.85
CA LEU B 86 19.13 32.31 22.57
C LEU B 86 20.09 32.56 23.72
N THR B 87 20.81 31.51 24.12
CA THR B 87 21.83 31.60 25.15
C THR B 87 23.15 31.07 24.61
N PHE B 88 24.15 31.01 25.49
CA PHE B 88 25.47 30.54 25.08
C PHE B 88 25.56 29.04 24.93
N GLU B 89 24.52 28.29 25.33
CA GLU B 89 24.47 26.87 25.01
C GLU B 89 24.21 26.64 23.53
N ASP B 90 23.65 27.61 22.82
CA ASP B 90 23.21 27.45 21.45
C ASP B 90 24.33 27.68 20.45
N SER B 91 25.55 27.94 20.91
CA SER B 91 26.68 28.19 20.04
C SER B 91 27.18 26.84 19.53
N ALA B 92 26.64 26.39 18.40
CA ALA B 92 26.94 25.06 17.90
C ALA B 92 26.71 25.04 16.39
N VAL B 93 26.80 23.85 15.81
CA VAL B 93 26.61 23.63 14.39
C VAL B 93 25.32 22.85 14.20
N TYR B 94 24.54 23.22 13.20
CA TYR B 94 23.22 22.64 12.98
C TYR B 94 23.17 21.99 11.61
N TYR B 95 22.59 20.79 11.55
CA TYR B 95 22.39 20.08 10.30
C TYR B 95 20.91 19.79 10.11
N CYS B 96 20.50 19.71 8.84
CA CYS B 96 19.18 19.21 8.48
C CYS B 96 19.37 18.00 7.60
N ALA B 97 18.59 16.94 7.87
CA ALA B 97 18.79 15.67 7.22
C ALA B 97 17.46 15.01 6.89
N ARG B 98 17.53 14.06 5.96
CA ARG B 98 16.37 13.36 5.44
C ARG B 98 16.33 11.97 6.05
N ARG B 99 15.21 11.60 6.65
CA ARG B 99 15.09 10.29 7.27
C ARG B 99 14.89 9.24 6.18
N SER B 100 15.46 8.06 6.39
CA SER B 100 15.47 7.03 5.36
C SER B 100 14.15 6.28 5.28
N GLU B 101 14.18 5.13 4.61
CA GLU B 101 13.04 4.23 4.56
C GLU B 101 12.63 3.76 5.95
N ALA B 102 13.60 3.44 6.81
CA ALA B 102 13.21 3.04 8.16
C ALA B 102 13.70 3.98 9.24
N ASP B 103 15.01 4.09 9.46
CA ASP B 103 15.50 4.89 10.58
C ASP B 103 16.81 5.60 10.31
N ARG B 104 17.33 5.58 9.09
CA ARG B 104 18.65 6.09 8.81
C ARG B 104 18.54 7.52 8.29
N PHE B 105 19.68 8.15 8.05
CA PHE B 105 19.74 9.53 7.59
C PHE B 105 20.66 9.58 6.38
N VAL B 106 20.06 9.55 5.19
CA VAL B 106 20.86 9.39 3.99
C VAL B 106 21.53 10.68 3.59
N TYR B 107 20.76 11.70 3.25
CA TYR B 107 21.30 12.94 2.70
C TYR B 107 21.45 13.96 3.82
N TRP B 108 22.59 14.61 3.86
CA TRP B 108 22.92 15.57 4.90
C TRP B 108 23.33 16.89 4.28
N GLY B 109 22.93 17.97 4.92
CA GLY B 109 23.28 19.31 4.47
C GLY B 109 24.74 19.62 4.75
N GLN B 110 25.13 20.83 4.38
CA GLN B 110 26.52 21.25 4.53
C GLN B 110 26.81 21.80 5.92
N GLY B 111 25.80 22.06 6.74
CA GLY B 111 26.02 22.54 8.09
C GLY B 111 26.29 24.02 8.16
N THR B 112 25.71 24.69 9.16
CA THR B 112 25.94 26.11 9.38
C THR B 112 26.32 26.36 10.83
N LEU B 113 27.00 27.48 11.06
CA LEU B 113 27.48 27.84 12.38
C LEU B 113 26.63 28.98 12.93
N VAL B 114 26.08 28.80 14.12
CA VAL B 114 25.29 29.82 14.80
C VAL B 114 26.00 30.15 16.10
N THR B 115 26.40 31.41 16.26
CA THR B 115 27.08 31.88 17.46
C THR B 115 26.32 33.06 18.05
N VAL B 116 26.47 33.25 19.36
CA VAL B 116 25.97 34.42 20.06
C VAL B 116 27.13 35.08 20.77
N SER B 117 27.10 36.41 20.85
CA SER B 117 28.20 37.17 21.44
C SER B 117 27.66 38.54 21.84
N ALA B 118 28.56 39.39 22.30
CA ALA B 118 28.23 40.76 22.66
C ALA B 118 28.94 41.74 21.74
N ALA C 12 -10.31 -12.59 -27.16
CA ALA C 12 -10.32 -11.67 -26.04
C ALA C 12 -10.73 -10.28 -26.50
N ARG C 13 -11.63 -10.23 -27.48
CA ARG C 13 -12.04 -8.96 -28.06
C ARG C 13 -12.99 -8.24 -27.14
N VAL C 14 -12.75 -6.95 -26.96
CA VAL C 14 -13.62 -6.10 -26.14
C VAL C 14 -14.89 -5.84 -26.95
N ALA C 15 -16.00 -5.59 -26.27
CA ALA C 15 -17.23 -5.27 -26.96
C ALA C 15 -17.18 -3.85 -27.51
N ASP C 16 -18.04 -3.59 -28.50
CA ASP C 16 -18.14 -2.30 -29.14
C ASP C 16 -19.47 -1.65 -28.81
N THR C 17 -19.71 -0.47 -29.39
CA THR C 17 -20.96 0.24 -29.17
C THR C 17 -21.82 0.27 -30.43
N ILE C 18 -23.10 0.52 -30.24
CA ILE C 18 -24.09 0.52 -31.30
C ILE C 18 -24.58 1.94 -31.47
N SER C 19 -25.02 2.28 -32.68
CA SER C 19 -25.60 3.60 -32.95
C SER C 19 -26.90 3.80 -32.19
N SER C 20 -27.35 5.04 -32.16
CA SER C 20 -28.62 5.40 -31.56
C SER C 20 -29.33 6.43 -32.42
N ARG C 21 -30.58 6.66 -32.10
CA ARG C 21 -31.42 7.67 -32.72
C ARG C 21 -31.70 8.72 -31.66
N PRO C 22 -32.21 9.88 -32.05
CA PRO C 22 -32.73 10.82 -31.04
C PRO C 22 -33.91 10.25 -30.29
N THR C 23 -33.79 10.21 -28.97
CA THR C 23 -34.81 9.64 -28.10
C THR C 23 -35.31 10.70 -27.13
N ASN C 24 -36.58 10.56 -26.76
CA ASN C 24 -37.14 11.36 -25.67
C ASN C 24 -38.28 10.55 -25.04
N SER C 25 -37.98 9.91 -23.92
CA SER C 25 -38.96 9.19 -23.14
C SER C 25 -38.53 9.26 -21.68
N GLU C 26 -39.40 8.78 -20.79
CA GLU C 26 -39.04 8.70 -19.39
C GLU C 26 -38.48 7.33 -19.03
N SER C 27 -37.81 6.67 -19.98
CA SER C 27 -36.80 5.68 -19.66
C SER C 27 -35.50 6.41 -19.43
N ILE C 28 -35.07 6.47 -18.17
CA ILE C 28 -33.93 7.32 -17.81
C ILE C 28 -32.78 6.45 -17.32
N PRO C 29 -31.77 6.23 -18.15
CA PRO C 29 -30.61 5.46 -17.69
C PRO C 29 -29.61 6.30 -16.93
N ALA C 30 -29.57 7.59 -17.25
CA ALA C 30 -28.53 8.48 -16.72
C ALA C 30 -28.67 8.72 -15.23
N LEU C 31 -29.89 8.83 -14.71
CA LEU C 31 -30.07 8.98 -13.28
C LEU C 31 -29.96 7.62 -12.63
N THR C 32 -29.05 7.50 -11.67
CA THR C 32 -28.77 6.24 -10.99
C THR C 32 -28.91 6.48 -9.50
N ALA C 33 -28.45 5.50 -8.72
CA ALA C 33 -28.33 5.66 -7.27
C ALA C 33 -27.07 4.96 -6.85
N ALA C 34 -26.02 5.73 -6.54
CA ALA C 34 -24.76 5.16 -6.11
C ALA C 34 -24.74 4.78 -4.64
N GLU C 35 -25.82 5.07 -3.91
CA GLU C 35 -25.95 4.73 -2.51
C GLU C 35 -26.02 3.24 -2.28
N THR C 36 -26.48 2.47 -3.26
CA THR C 36 -26.58 1.03 -3.11
C THR C 36 -25.25 0.31 -3.33
N GLY C 37 -24.17 1.05 -3.56
CA GLY C 37 -22.88 0.42 -3.73
C GLY C 37 -22.72 -0.31 -5.03
N HIS C 38 -23.43 0.12 -6.06
CA HIS C 38 -23.41 -0.54 -7.35
C HIS C 38 -22.94 0.44 -8.41
N THR C 39 -21.85 0.10 -9.09
CA THR C 39 -21.36 0.87 -10.22
C THR C 39 -22.30 0.69 -11.40
N SER C 40 -22.80 1.79 -11.94
CA SER C 40 -23.78 1.71 -13.01
C SER C 40 -23.13 1.29 -14.32
N GLN C 41 -23.94 0.69 -15.19
CA GLN C 41 -23.46 0.08 -16.43
C GLN C 41 -23.90 0.83 -17.67
N VAL C 42 -23.85 2.16 -17.64
CA VAL C 42 -24.29 2.93 -18.79
C VAL C 42 -23.27 2.83 -19.90
N VAL C 43 -23.74 3.12 -21.11
CA VAL C 43 -22.92 3.08 -22.32
C VAL C 43 -22.95 4.48 -22.91
N PRO C 44 -21.84 4.94 -23.51
CA PRO C 44 -21.84 6.25 -24.18
C PRO C 44 -22.86 6.41 -25.31
N SER C 45 -23.46 5.33 -25.78
CA SER C 45 -24.56 5.39 -26.73
C SER C 45 -25.88 5.78 -26.10
N ASP C 46 -25.89 6.13 -24.80
CA ASP C 46 -27.13 6.54 -24.14
C ASP C 46 -27.12 7.98 -23.67
N THR C 47 -26.02 8.70 -23.85
CA THR C 47 -25.95 10.10 -23.48
C THR C 47 -25.90 11.04 -24.65
N MET C 48 -25.50 10.55 -25.83
CA MET C 48 -25.50 11.36 -27.04
C MET C 48 -25.59 10.39 -28.21
N GLN C 49 -25.86 10.93 -29.38
CA GLN C 49 -25.97 10.12 -30.59
C GLN C 49 -24.57 9.69 -31.01
N THR C 50 -24.40 8.40 -31.26
CA THR C 50 -23.11 7.89 -31.69
C THR C 50 -23.27 7.03 -32.93
N ARG C 51 -22.14 6.72 -33.54
CA ARG C 51 -22.10 5.86 -34.71
C ARG C 51 -21.76 4.43 -34.30
N HIS C 52 -22.27 3.49 -35.07
CA HIS C 52 -21.97 2.07 -34.86
C HIS C 52 -20.55 1.83 -35.33
N VAL C 53 -19.66 1.51 -34.40
CA VAL C 53 -18.25 1.35 -34.72
C VAL C 53 -17.85 -0.08 -34.44
N LYS C 54 -16.99 -0.61 -35.29
CA LYS C 54 -16.35 -1.90 -35.11
C LYS C 54 -15.13 -1.67 -34.22
N ASN C 55 -14.88 -2.57 -33.29
CA ASN C 55 -13.71 -2.43 -32.43
C ASN C 55 -12.93 -3.74 -32.39
N TYR C 56 -11.61 -3.62 -32.18
CA TYR C 56 -10.72 -4.77 -32.24
C TYR C 56 -9.65 -4.75 -31.16
N HIS C 57 -9.78 -3.88 -30.16
CA HIS C 57 -8.84 -3.89 -29.05
C HIS C 57 -9.05 -5.13 -28.20
N SER C 58 -8.00 -5.57 -27.54
CA SER C 58 -8.10 -6.69 -26.63
C SER C 58 -7.66 -6.29 -25.23
N ARG C 59 -7.91 -7.17 -24.28
CA ARG C 59 -7.47 -7.00 -22.91
C ARG C 59 -6.48 -8.08 -22.52
N SER C 60 -5.79 -8.63 -23.53
CA SER C 60 -4.87 -9.74 -23.30
C SER C 60 -3.64 -9.32 -22.52
N GLU C 61 -3.13 -8.11 -22.76
CA GLU C 61 -1.98 -7.62 -22.00
C GLU C 61 -2.36 -7.11 -20.62
N SER C 62 -3.62 -7.22 -20.21
CA SER C 62 -4.04 -6.81 -18.89
C SER C 62 -4.48 -7.98 -18.03
N SER C 63 -4.13 -9.21 -18.42
CA SER C 63 -4.46 -10.34 -17.57
C SER C 63 -3.52 -10.39 -16.37
N ILE C 64 -3.85 -11.27 -15.43
CA ILE C 64 -3.07 -11.36 -14.20
C ILE C 64 -1.70 -11.94 -14.48
N GLU C 65 -1.60 -12.82 -15.47
CA GLU C 65 -0.33 -13.48 -15.76
C GLU C 65 0.64 -12.50 -16.40
N ASN C 66 0.19 -11.73 -17.37
CA ASN C 66 1.03 -10.72 -17.99
C ASN C 66 1.39 -9.61 -17.02
N PHE C 67 0.56 -9.41 -16.00
CA PHE C 67 0.88 -8.41 -14.99
C PHE C 67 1.91 -8.92 -14.01
N LEU C 68 2.10 -10.23 -13.94
CA LEU C 68 2.98 -10.78 -12.92
C LEU C 68 4.17 -11.55 -13.47
N CYS C 69 4.01 -12.32 -14.55
CA CYS C 69 5.10 -13.16 -15.05
C CYS C 69 6.14 -12.31 -15.75
N ARG C 70 6.88 -11.56 -14.95
CA ARG C 70 8.06 -10.81 -15.35
C ARG C 70 9.01 -10.84 -14.17
N SER C 71 10.27 -11.15 -14.41
CA SER C 71 11.21 -11.35 -13.32
C SER C 71 11.54 -10.04 -12.64
N ALA C 72 12.03 -10.13 -11.39
CA ALA C 72 12.39 -8.97 -10.61
C ALA C 72 13.37 -9.37 -9.53
N CYS C 73 14.35 -8.50 -9.28
CA CYS C 73 15.32 -8.74 -8.22
C CYS C 73 14.65 -8.59 -6.87
N VAL C 74 15.03 -9.43 -5.91
CA VAL C 74 14.49 -9.35 -4.56
C VAL C 74 15.56 -9.09 -3.51
N TYR C 75 16.82 -9.38 -3.79
CA TYR C 75 17.88 -9.31 -2.79
C TYR C 75 19.22 -9.43 -3.50
N TYR C 76 20.26 -8.92 -2.85
CA TYR C 76 21.61 -9.27 -3.24
C TYR C 76 22.48 -9.33 -2.00
N ALA C 77 23.54 -10.13 -2.07
CA ALA C 77 24.45 -10.31 -0.96
C ALA C 77 25.87 -10.45 -1.47
N THR C 78 26.84 -10.30 -0.56
CA THR C 78 28.25 -10.44 -0.88
C THR C 78 28.89 -11.45 0.05
N TYR C 79 30.09 -11.88 -0.31
CA TYR C 79 30.97 -12.63 0.57
C TYR C 79 32.39 -12.50 0.05
N THR C 80 33.35 -12.55 0.96
CA THR C 80 34.76 -12.43 0.64
C THR C 80 35.39 -13.81 0.74
N ASN C 81 36.21 -14.16 -0.25
CA ASN C 81 36.82 -15.48 -0.27
C ASN C 81 37.82 -15.66 0.86
N ASN C 82 38.85 -14.84 0.89
CA ASN C 82 39.91 -15.00 1.88
C ASN C 82 39.47 -14.32 3.17
N SER C 83 38.58 -15.00 3.90
CA SER C 83 38.17 -14.58 5.22
C SER C 83 37.69 -15.78 6.01
N LYS C 84 37.81 -15.70 7.33
CA LYS C 84 37.07 -16.64 8.17
C LYS C 84 35.58 -16.34 8.07
N LYS C 85 34.79 -17.43 8.00
CA LYS C 85 33.33 -17.46 7.78
C LYS C 85 32.88 -16.48 6.69
N GLY C 86 33.56 -16.54 5.56
CA GLY C 86 33.10 -15.77 4.42
C GLY C 86 32.07 -16.56 3.66
N PHE C 87 30.81 -16.29 3.97
CA PHE C 87 29.66 -16.97 3.40
C PHE C 87 28.42 -16.19 3.81
N ALA C 88 27.44 -16.14 2.92
CA ALA C 88 26.28 -15.30 3.10
C ALA C 88 25.02 -16.13 3.31
N GLU C 89 24.09 -15.57 4.07
CA GLU C 89 22.81 -16.20 4.30
C GLU C 89 21.72 -15.16 4.18
N TRP C 90 20.49 -15.64 3.99
CA TRP C 90 19.37 -14.75 3.74
C TRP C 90 18.08 -15.50 4.01
N VAL C 91 17.26 -14.98 4.90
CA VAL C 91 15.96 -15.58 5.17
C VAL C 91 15.03 -15.24 4.01
N ILE C 92 14.27 -16.22 3.55
CA ILE C 92 13.45 -16.03 2.36
C ILE C 92 12.20 -15.24 2.72
N ASN C 93 12.06 -14.07 2.11
CA ASN C 93 10.83 -13.29 2.19
C ASN C 93 10.79 -12.37 0.98
N THR C 94 9.61 -11.84 0.69
CA THR C 94 9.42 -11.03 -0.49
C THR C 94 9.06 -9.60 -0.13
N ARG C 95 9.48 -9.12 1.04
CA ARG C 95 9.12 -7.78 1.48
C ARG C 95 10.36 -6.95 1.81
N GLN C 96 11.40 -7.07 1.01
CA GLN C 96 12.59 -6.26 1.19
C GLN C 96 12.82 -5.28 0.06
N VAL C 97 12.16 -5.47 -1.08
CA VAL C 97 12.26 -4.55 -2.20
C VAL C 97 10.91 -3.90 -2.43
N ALA C 98 10.92 -2.58 -2.59
CA ALA C 98 9.69 -1.80 -2.66
C ALA C 98 8.89 -2.05 -3.93
N GLN C 99 9.53 -2.50 -5.01
CA GLN C 99 8.80 -2.69 -6.24
C GLN C 99 7.92 -3.92 -6.21
N LEU C 100 8.46 -5.07 -5.83
CA LEU C 100 7.68 -6.29 -5.85
C LEU C 100 6.69 -6.37 -4.69
N ARG C 101 7.05 -5.82 -3.54
CA ARG C 101 6.16 -5.84 -2.38
C ARG C 101 4.90 -5.02 -2.64
N ARG C 102 5.05 -3.86 -3.26
CA ARG C 102 3.91 -3.04 -3.63
C ARG C 102 3.04 -3.70 -4.68
N LYS C 103 3.63 -4.47 -5.58
CA LYS C 103 2.83 -5.16 -6.59
C LYS C 103 2.05 -6.31 -5.98
N LEU C 104 2.65 -7.04 -5.05
CA LEU C 104 1.98 -8.21 -4.50
C LEU C 104 0.93 -7.84 -3.48
N GLU C 105 0.92 -6.60 -2.98
CA GLU C 105 -0.08 -6.17 -2.00
C GLU C 105 -1.35 -5.66 -2.67
N LEU C 106 -1.53 -5.94 -3.96
CA LEU C 106 -2.80 -5.69 -4.62
C LEU C 106 -3.80 -6.79 -4.37
N PHE C 107 -3.35 -7.97 -3.93
CA PHE C 107 -4.24 -9.09 -3.71
C PHE C 107 -3.98 -9.68 -2.33
N THR C 108 -5.05 -10.13 -1.70
CA THR C 108 -4.94 -10.64 -0.35
C THR C 108 -4.40 -12.06 -0.32
N TYR C 109 -4.98 -12.95 -1.11
CA TYR C 109 -4.59 -14.35 -1.12
C TYR C 109 -4.07 -14.73 -2.49
N LEU C 110 -2.86 -15.27 -2.52
CA LEU C 110 -2.21 -15.63 -3.76
C LEU C 110 -1.83 -17.09 -3.72
N ARG C 111 -2.08 -17.77 -4.83
CA ARG C 111 -1.62 -19.14 -5.01
C ARG C 111 -0.99 -19.19 -6.40
N PHE C 112 0.30 -19.47 -6.46
CA PHE C 112 1.00 -19.44 -7.74
C PHE C 112 2.15 -20.42 -7.72
N ASP C 113 2.64 -20.72 -8.91
CA ASP C 113 3.85 -21.49 -9.08
C ASP C 113 5.04 -20.55 -9.18
N LEU C 114 6.18 -21.02 -8.71
CA LEU C 114 7.36 -20.16 -8.59
C LEU C 114 8.48 -20.67 -9.48
N GLU C 115 9.21 -19.74 -10.06
CA GLU C 115 10.39 -20.04 -10.83
C GLU C 115 11.51 -19.16 -10.31
N LEU C 116 12.74 -19.67 -10.28
CA LEU C 116 13.86 -18.99 -9.64
C LEU C 116 15.07 -18.96 -10.55
N THR C 117 15.78 -17.83 -10.54
CA THR C 117 17.02 -17.65 -11.29
C THR C 117 18.04 -16.92 -10.43
N PHE C 118 19.31 -17.05 -10.79
CA PHE C 118 20.39 -16.34 -10.12
C PHE C 118 21.28 -15.68 -11.14
N VAL C 119 22.02 -14.67 -10.71
CA VAL C 119 23.06 -14.07 -11.51
C VAL C 119 24.18 -13.70 -10.56
N ILE C 120 25.42 -13.99 -10.95
CA ILE C 120 26.59 -13.91 -10.08
C ILE C 120 27.66 -13.11 -10.79
N THR C 121 28.14 -12.06 -10.14
CA THR C 121 29.30 -11.33 -10.61
C THR C 121 30.44 -11.55 -9.63
N SER C 122 31.61 -11.02 -9.98
CA SER C 122 32.78 -11.14 -9.14
C SER C 122 33.56 -9.83 -9.19
N ALA C 123 34.61 -9.77 -8.37
CA ALA C 123 35.46 -8.59 -8.30
C ALA C 123 36.82 -9.01 -7.79
N GLN C 124 37.82 -8.20 -8.07
CA GLN C 124 39.16 -8.47 -7.58
C GLN C 124 39.47 -7.55 -6.40
N GLN C 125 40.00 -8.11 -5.38
CA GLN C 125 40.32 -7.36 -4.18
C GLN C 125 41.70 -6.75 -4.28
N PRO C 126 41.97 -5.67 -3.55
CA PRO C 126 43.33 -5.13 -3.50
C PRO C 126 44.26 -6.01 -2.69
N SER C 127 44.83 -7.02 -3.33
CA SER C 127 45.76 -7.94 -2.68
C SER C 127 47.16 -7.33 -2.63
N THR C 128 48.13 -8.19 -2.32
CA THR C 128 49.53 -7.76 -2.21
C THR C 128 50.51 -8.71 -2.88
N ALA C 129 50.05 -9.87 -3.37
CA ALA C 129 50.97 -10.83 -3.96
C ALA C 129 51.40 -10.38 -5.35
N SER C 130 52.49 -10.96 -5.84
CA SER C 130 53.04 -10.60 -7.13
C SER C 130 52.50 -11.50 -8.23
N SER C 131 51.92 -10.87 -9.26
CA SER C 131 51.47 -11.49 -10.50
C SER C 131 50.44 -12.60 -10.23
N VAL C 132 49.30 -12.17 -9.67
CA VAL C 132 48.25 -13.13 -9.38
C VAL C 132 47.48 -13.37 -10.67
N ASP C 133 46.86 -14.55 -10.76
CA ASP C 133 46.10 -14.95 -11.93
C ASP C 133 45.22 -16.11 -11.49
N ALA C 134 43.92 -15.89 -11.44
CA ALA C 134 43.04 -16.87 -10.83
C ALA C 134 42.50 -17.82 -11.89
N PRO C 135 42.24 -19.07 -11.53
CA PRO C 135 41.48 -19.95 -12.41
C PRO C 135 39.99 -19.65 -12.35
N VAL C 136 39.18 -20.46 -13.03
CA VAL C 136 37.75 -20.22 -13.00
C VAL C 136 37.19 -20.58 -11.64
N GLN C 137 36.29 -19.74 -11.14
CA GLN C 137 35.68 -19.94 -9.84
C GLN C 137 34.30 -20.54 -10.02
N THR C 138 33.88 -21.31 -9.03
CA THR C 138 32.53 -21.88 -9.00
C THR C 138 31.90 -21.56 -7.66
N HIS C 139 30.59 -21.53 -7.62
CA HIS C 139 29.86 -21.13 -6.43
C HIS C 139 28.80 -22.17 -6.10
N GLN C 140 28.39 -22.20 -4.85
CA GLN C 140 27.42 -23.17 -4.36
C GLN C 140 26.28 -22.45 -3.65
N ILE C 141 25.06 -22.77 -4.05
CA ILE C 141 23.86 -22.25 -3.41
C ILE C 141 23.11 -23.44 -2.84
N MET C 142 22.94 -23.48 -1.52
CA MET C 142 22.21 -24.55 -0.87
C MET C 142 20.97 -24.00 -0.18
N TYR C 143 19.83 -24.63 -0.46
CA TYR C 143 18.58 -24.30 0.20
C TYR C 143 18.42 -25.18 1.43
N VAL C 144 17.97 -24.58 2.52
CA VAL C 144 17.73 -25.32 3.76
C VAL C 144 16.26 -25.16 4.11
N PRO C 145 15.51 -26.25 4.21
CA PRO C 145 14.13 -26.17 4.70
C PRO C 145 14.10 -25.80 6.16
N PRO C 146 13.00 -25.23 6.66
CA PRO C 146 12.98 -24.74 8.04
C PRO C 146 13.00 -25.89 9.05
N GLY C 147 14.13 -26.06 9.71
CA GLY C 147 14.35 -27.13 10.66
C GLY C 147 15.61 -27.94 10.42
N GLY C 148 16.29 -27.71 9.31
CA GLY C 148 17.47 -28.47 8.98
C GLY C 148 18.70 -27.98 9.73
N PRO C 149 19.83 -28.62 9.43
CA PRO C 149 21.08 -28.21 10.07
C PRO C 149 21.59 -26.91 9.49
N VAL C 150 22.53 -26.29 10.19
CA VAL C 150 23.07 -24.99 9.80
C VAL C 150 24.57 -25.09 9.56
N PRO C 151 25.09 -24.45 8.52
CA PRO C 151 26.55 -24.33 8.40
C PRO C 151 27.06 -23.17 9.23
N THR C 152 28.34 -23.26 9.59
CA THR C 152 28.96 -22.20 10.38
C THR C 152 30.33 -21.79 9.87
N LYS C 153 30.91 -22.51 8.93
CA LYS C 153 32.18 -22.12 8.35
C LYS C 153 32.19 -22.59 6.90
N VAL C 154 33.29 -22.33 6.21
CA VAL C 154 33.33 -22.68 4.79
C VAL C 154 33.53 -24.18 4.56
N LYS C 155 34.30 -24.85 5.41
CA LYS C 155 34.40 -26.30 5.34
C LYS C 155 33.61 -26.88 6.51
N ASP C 156 32.30 -26.94 6.33
CA ASP C 156 31.41 -27.50 7.33
C ASP C 156 30.83 -28.78 6.75
N TYR C 157 30.39 -29.66 7.64
CA TYR C 157 29.73 -30.89 7.21
C TYR C 157 28.29 -30.63 6.78
N ALA C 158 27.77 -29.44 7.00
CA ALA C 158 26.46 -29.10 6.46
C ALA C 158 26.48 -28.94 4.95
N TRP C 159 27.64 -28.72 4.34
CA TRP C 159 27.75 -28.59 2.90
C TRP C 159 27.80 -29.91 2.16
N GLN C 160 27.44 -31.01 2.81
CA GLN C 160 27.43 -32.29 2.13
C GLN C 160 26.34 -32.36 1.08
N THR C 161 25.23 -31.65 1.32
CA THR C 161 24.00 -31.68 0.51
C THR C 161 23.53 -33.11 0.34
N SER C 162 23.26 -33.76 1.48
CA SER C 162 22.79 -35.14 1.46
C SER C 162 21.40 -35.22 0.84
N THR C 163 20.43 -34.54 1.43
CA THR C 163 19.10 -34.47 0.88
C THR C 163 18.69 -33.06 0.48
N ASN C 164 19.40 -32.04 0.94
CA ASN C 164 19.00 -30.68 0.66
C ASN C 164 19.31 -30.33 -0.78
N PRO C 165 18.35 -29.85 -1.55
CA PRO C 165 18.60 -29.53 -2.95
C PRO C 165 19.51 -28.31 -3.08
N SER C 166 20.49 -28.44 -3.97
CA SER C 166 21.48 -27.40 -4.17
C SER C 166 21.89 -27.37 -5.63
N VAL C 167 22.77 -26.45 -5.97
CA VAL C 167 23.21 -26.28 -7.34
C VAL C 167 24.63 -25.74 -7.34
N PHE C 168 25.41 -26.18 -8.32
CA PHE C 168 26.76 -25.69 -8.52
C PHE C 168 26.84 -25.02 -9.88
N TRP C 169 27.55 -23.90 -9.95
CA TRP C 169 27.51 -23.07 -11.14
C TRP C 169 28.90 -22.50 -11.39
N THR C 170 29.25 -22.35 -12.65
CA THR C 170 30.55 -21.82 -13.04
C THR C 170 30.38 -20.47 -13.70
N GLU C 171 31.30 -19.56 -13.42
CA GLU C 171 31.34 -18.30 -14.14
C GLU C 171 31.69 -18.52 -15.60
N GLY C 172 31.24 -17.62 -16.46
CA GLY C 172 31.48 -17.71 -17.88
C GLY C 172 30.36 -18.38 -18.65
N ASN C 173 29.52 -19.17 -17.99
CA ASN C 173 28.41 -19.82 -18.68
C ASN C 173 27.11 -19.09 -18.35
N ALA C 174 26.00 -19.68 -18.76
CA ALA C 174 24.70 -19.04 -18.63
C ALA C 174 24.29 -18.97 -17.16
N PRO C 175 23.38 -18.05 -16.82
CA PRO C 175 22.86 -18.02 -15.46
C PRO C 175 21.99 -19.24 -15.19
N PRO C 176 22.05 -19.79 -13.98
CA PRO C 176 21.28 -20.99 -13.68
C PRO C 176 19.83 -20.66 -13.40
N ARG C 177 19.02 -21.72 -13.35
CA ARG C 177 17.58 -21.55 -13.25
C ARG C 177 16.97 -22.83 -12.69
N MET C 178 16.08 -22.70 -11.73
CA MET C 178 15.36 -23.82 -11.15
C MET C 178 13.90 -23.44 -10.99
N SER C 179 13.07 -24.41 -10.63
CA SER C 179 11.65 -24.19 -10.50
C SER C 179 11.12 -24.87 -9.25
N ILE C 180 10.32 -24.14 -8.48
CA ILE C 180 9.78 -24.64 -7.23
C ILE C 180 8.26 -24.65 -7.30
N PRO C 181 7.60 -25.77 -7.04
CA PRO C 181 6.13 -25.77 -7.04
C PRO C 181 5.56 -25.09 -5.80
N PHE C 182 4.23 -25.03 -5.73
CA PHE C 182 3.56 -24.25 -4.69
C PHE C 182 3.70 -24.94 -3.35
N ILE C 183 4.52 -24.37 -2.48
CA ILE C 183 4.85 -24.96 -1.20
C ILE C 183 4.29 -24.06 -0.10
N SER C 184 3.20 -24.51 0.52
CA SER C 184 2.64 -23.79 1.65
C SER C 184 1.87 -24.72 2.55
N ILE C 185 1.74 -24.32 3.80
CA ILE C 185 0.98 -25.10 4.76
C ILE C 185 -0.51 -24.96 4.49
N GLY C 186 -0.98 -23.75 4.20
CA GLY C 186 -2.37 -23.50 3.87
C GLY C 186 -2.66 -23.81 2.42
N ASN C 187 -3.74 -23.21 1.93
CA ASN C 187 -4.09 -23.35 0.52
C ASN C 187 -3.51 -22.25 -0.35
N ALA C 188 -3.04 -21.16 0.26
CA ALA C 188 -2.53 -20.03 -0.51
C ALA C 188 -1.62 -19.22 0.38
N TYR C 189 -0.62 -18.61 -0.26
CA TYR C 189 0.19 -17.61 0.43
C TYR C 189 -0.69 -16.43 0.78
N SER C 190 -0.42 -15.82 1.92
CA SER C 190 -1.21 -14.69 2.39
C SER C 190 -0.29 -13.49 2.53
N CYS C 191 -0.70 -12.37 1.94
CA CYS C 191 0.09 -11.15 2.05
C CYS C 191 -0.20 -10.38 3.32
N PHE C 192 -1.26 -10.72 4.04
CA PHE C 192 -1.59 -10.09 5.30
C PHE C 192 -2.10 -11.14 6.26
N TYR C 193 -1.68 -11.04 7.52
CA TYR C 193 -2.18 -11.93 8.55
C TYR C 193 -2.46 -11.10 9.80
N ASP C 194 -3.73 -10.92 10.13
CA ASP C 194 -4.13 -10.11 11.26
C ASP C 194 -4.32 -11.05 12.46
N GLY C 195 -3.26 -11.24 13.22
CA GLY C 195 -3.35 -12.08 14.40
C GLY C 195 -2.00 -12.22 15.05
N TRP C 196 -1.99 -12.98 16.13
CA TRP C 196 -0.80 -13.22 16.92
C TRP C 196 -0.41 -14.69 16.81
N THR C 197 0.71 -15.03 17.43
CA THR C 197 1.09 -16.43 17.52
C THR C 197 0.55 -17.06 18.78
N GLN C 198 0.83 -16.47 19.93
CA GLN C 198 0.39 -17.02 21.20
C GLN C 198 -1.11 -16.80 21.36
N PHE C 199 -1.74 -17.70 22.10
CA PHE C 199 -3.17 -17.57 22.33
C PHE C 199 -3.48 -16.54 23.42
N SER C 200 -2.47 -16.02 24.08
CA SER C 200 -2.64 -14.89 24.98
C SER C 200 -2.66 -13.56 24.24
N ARG C 201 -2.50 -13.59 22.90
CA ARG C 201 -2.42 -12.40 22.04
C ARG C 201 -1.31 -11.45 22.48
N ASN C 202 -0.08 -11.96 22.51
CA ASN C 202 1.07 -11.19 22.89
C ASN C 202 2.23 -11.45 21.93
N GLY C 203 3.32 -10.72 22.15
CA GLY C 203 4.53 -10.94 21.39
C GLY C 203 4.44 -10.48 19.95
N VAL C 204 4.69 -11.41 19.04
CA VAL C 204 4.71 -11.08 17.62
C VAL C 204 3.28 -10.89 17.11
N TYR C 205 3.10 -9.85 16.31
CA TYR C 205 1.83 -9.60 15.65
C TYR C 205 2.11 -9.17 14.22
N GLY C 206 1.48 -9.83 13.26
CA GLY C 206 1.68 -9.45 11.88
C GLY C 206 2.03 -10.64 11.01
N ILE C 207 2.52 -10.35 9.80
CA ILE C 207 2.73 -11.39 8.79
C ILE C 207 3.92 -12.27 9.14
N ASN C 208 4.79 -11.80 10.03
CA ASN C 208 6.02 -12.49 10.38
C ASN C 208 5.80 -13.86 11.02
N THR C 209 4.60 -14.12 11.55
CA THR C 209 4.32 -15.41 12.15
C THR C 209 4.25 -16.52 11.11
N LEU C 210 3.54 -16.31 10.02
CA LEU C 210 3.48 -17.31 8.97
C LEU C 210 4.76 -17.43 8.17
N ASN C 211 5.57 -16.37 8.11
CA ASN C 211 6.72 -16.33 7.22
C ASN C 211 7.80 -17.23 7.77
N ASN C 212 7.70 -18.52 7.47
CA ASN C 212 8.67 -19.52 7.89
C ASN C 212 8.80 -20.50 6.72
N MET C 213 9.73 -20.20 5.81
CA MET C 213 9.87 -20.98 4.60
C MET C 213 11.26 -21.57 4.43
N GLY C 214 12.21 -21.21 5.27
CA GLY C 214 13.57 -21.69 5.15
C GLY C 214 14.54 -20.55 4.93
N THR C 215 15.80 -20.93 4.74
CA THR C 215 16.88 -19.98 4.53
C THR C 215 17.73 -20.45 3.35
N LEU C 216 18.57 -19.54 2.88
CA LEU C 216 19.39 -19.77 1.70
C LEU C 216 20.83 -19.41 2.03
N TYR C 217 21.77 -20.31 1.72
CA TYR C 217 23.18 -20.08 1.99
C TYR C 217 23.99 -20.14 0.71
N MET C 218 24.89 -19.17 0.55
CA MET C 218 25.83 -19.15 -0.56
C MET C 218 27.23 -19.23 0.00
N ARG C 219 28.13 -19.85 -0.76
CA ARG C 219 29.52 -19.99 -0.35
C ARG C 219 30.37 -20.27 -1.57
N HIS C 220 31.67 -20.10 -1.40
CA HIS C 220 32.63 -20.40 -2.45
C HIS C 220 32.96 -21.87 -2.48
N VAL C 221 33.53 -22.33 -3.59
CA VAL C 221 33.96 -23.72 -3.65
C VAL C 221 35.47 -23.83 -3.58
N ASN C 222 36.18 -23.05 -4.38
CA ASN C 222 37.64 -23.12 -4.39
C ASN C 222 38.23 -22.43 -3.17
N GLU C 223 39.53 -22.26 -3.20
CA GLU C 223 40.24 -21.73 -2.04
C GLU C 223 40.89 -20.39 -2.37
N ALA C 224 41.33 -19.70 -1.33
CA ALA C 224 42.08 -18.48 -1.52
C ALA C 224 43.50 -18.85 -1.92
N GLY C 225 43.78 -18.76 -3.22
CA GLY C 225 45.09 -19.16 -3.71
C GLY C 225 46.19 -18.20 -3.32
N GLN C 226 46.19 -17.00 -3.89
CA GLN C 226 47.14 -15.97 -3.50
C GLN C 226 46.49 -14.63 -3.23
N GLY C 227 45.36 -14.29 -3.84
CA GLY C 227 44.71 -13.03 -3.64
C GLY C 227 43.22 -13.17 -3.44
N PRO C 228 42.66 -12.36 -2.54
CA PRO C 228 41.24 -12.50 -2.21
C PRO C 228 40.32 -12.03 -3.33
N ILE C 229 39.09 -12.52 -3.27
CA ILE C 229 38.05 -12.23 -4.26
C ILE C 229 36.75 -12.01 -3.53
N LYS C 230 36.09 -10.88 -3.78
CA LYS C 230 34.75 -10.62 -3.27
C LYS C 230 33.76 -10.80 -4.40
N SER C 231 32.76 -11.64 -4.17
CA SER C 231 31.73 -11.90 -5.16
C SER C 231 30.43 -11.26 -4.73
N THR C 232 29.42 -11.36 -5.59
CA THR C 232 28.12 -10.77 -5.34
C THR C 232 27.08 -11.53 -6.14
N VAL C 233 26.06 -12.04 -5.46
CA VAL C 233 24.99 -12.79 -6.11
C VAL C 233 23.74 -11.91 -6.10
N ARG C 234 22.81 -12.22 -6.99
CA ARG C 234 21.51 -11.57 -7.03
C ARG C 234 20.45 -12.62 -7.32
N ILE C 235 19.32 -12.53 -6.62
CA ILE C 235 18.25 -13.51 -6.72
C ILE C 235 17.08 -12.85 -7.43
N TYR C 236 16.44 -13.58 -8.33
CA TYR C 236 15.36 -13.05 -9.15
C TYR C 236 14.18 -14.00 -9.12
N PHE C 237 13.02 -13.49 -8.72
CA PHE C 237 11.79 -14.26 -8.64
C PHE C 237 11.00 -14.08 -9.92
N LYS C 238 10.22 -15.08 -10.28
CA LYS C 238 9.32 -14.98 -11.41
C LYS C 238 8.17 -15.96 -11.23
N PRO C 239 6.94 -15.48 -11.07
CA PRO C 239 5.82 -16.37 -10.77
C PRO C 239 5.19 -16.90 -12.05
N LYS C 240 4.57 -18.07 -11.96
CA LYS C 240 3.79 -18.66 -13.04
C LYS C 240 2.50 -19.22 -12.48
N HIS C 241 1.53 -19.42 -13.39
CA HIS C 241 0.23 -20.05 -13.11
C HIS C 241 -0.51 -19.36 -11.96
N VAL C 242 -0.54 -18.05 -12.03
CA VAL C 242 -0.98 -17.24 -10.90
C VAL C 242 -2.50 -17.33 -10.75
N LYS C 243 -2.95 -17.33 -9.51
CA LYS C 243 -4.35 -17.16 -9.18
C LYS C 243 -4.43 -16.21 -8.00
N ALA C 244 -5.39 -15.28 -8.06
CA ALA C 244 -5.48 -14.27 -7.03
C ALA C 244 -6.89 -14.25 -6.47
N TRP C 245 -7.01 -13.71 -5.27
CA TRP C 245 -8.31 -13.50 -4.67
C TRP C 245 -8.30 -12.22 -3.86
N VAL C 246 -9.49 -11.63 -3.69
CA VAL C 246 -9.77 -10.50 -2.82
C VAL C 246 -8.85 -9.32 -3.11
N PRO C 247 -9.11 -8.54 -4.15
CA PRO C 247 -8.25 -7.40 -4.47
C PRO C 247 -8.25 -6.35 -3.38
N ARG C 248 -7.19 -5.56 -3.39
CA ARG C 248 -6.84 -4.68 -2.30
C ARG C 248 -6.56 -3.30 -2.87
N PRO C 249 -6.92 -2.22 -2.16
CA PRO C 249 -6.47 -0.91 -2.58
C PRO C 249 -4.97 -0.80 -2.44
N PRO C 250 -4.31 -0.05 -3.32
CA PRO C 250 -2.85 -0.06 -3.35
C PRO C 250 -2.26 0.70 -2.19
N ARG C 251 -1.05 0.33 -1.82
CA ARG C 251 -0.34 1.02 -0.75
C ARG C 251 0.05 2.42 -1.22
N LEU C 252 -0.34 3.42 -0.45
CA LEU C 252 -0.16 4.81 -0.85
C LEU C 252 1.14 5.39 -0.31
N CYS C 253 1.33 5.36 0.99
CA CYS C 253 2.51 5.96 1.60
C CYS C 253 3.72 5.05 1.43
N GLN C 254 4.84 5.51 1.96
CA GLN C 254 6.10 4.78 1.86
C GLN C 254 6.11 3.57 2.77
N TYR C 255 6.94 2.60 2.43
CA TYR C 255 7.15 1.46 3.31
C TYR C 255 8.17 1.80 4.37
N GLU C 256 8.04 1.19 5.54
CA GLU C 256 8.96 1.41 6.63
C GLU C 256 9.77 0.16 7.00
N LYS C 257 9.09 -0.93 7.31
CA LYS C 257 9.76 -2.12 7.81
C LYS C 257 9.37 -3.34 6.99
N GLN C 258 9.97 -4.46 7.37
CA GLN C 258 9.80 -5.75 6.70
C GLN C 258 8.94 -6.71 7.51
N LYS C 259 9.17 -6.81 8.82
CA LYS C 259 8.38 -7.71 9.64
C LYS C 259 6.98 -7.19 9.89
N ASN C 260 6.77 -5.88 9.80
CA ASN C 260 5.48 -5.31 10.11
C ASN C 260 4.99 -4.45 8.96
N VAL C 261 3.98 -3.63 9.21
CA VAL C 261 3.35 -2.82 8.18
C VAL C 261 3.21 -1.36 8.64
N ASN C 262 4.02 -0.97 9.62
CA ASN C 262 4.00 0.38 10.17
C ASN C 262 4.32 1.44 9.12
N PHE C 263 3.84 2.65 9.36
CA PHE C 263 3.89 3.66 8.32
C PHE C 263 3.83 5.04 8.95
N SER C 264 4.30 6.02 8.21
CA SER C 264 4.21 7.42 8.60
C SER C 264 3.03 8.06 7.89
N PRO C 265 2.31 8.97 8.53
CA PRO C 265 1.17 9.61 7.86
C PRO C 265 1.64 10.56 6.77
N ILE C 266 0.86 10.61 5.71
CA ILE C 266 1.17 11.45 4.55
C ILE C 266 -0.15 11.91 3.94
N GLY C 267 -0.07 12.95 3.12
CA GLY C 267 -1.25 13.45 2.47
C GLY C 267 -1.76 12.50 1.40
N VAL C 268 -2.96 12.78 0.92
CA VAL C 268 -3.57 11.91 -0.09
C VAL C 268 -2.90 12.09 -1.44
N THR C 269 -2.67 13.33 -1.85
CA THR C 269 -1.95 13.63 -3.06
C THR C 269 -1.29 14.98 -2.92
N THR C 270 -0.43 15.31 -3.87
CA THR C 270 0.06 16.68 -3.94
C THR C 270 -1.05 17.60 -4.42
N SER C 271 -0.94 18.86 -4.04
CA SER C 271 -2.03 19.81 -4.22
C SER C 271 -1.74 20.79 -5.32
N ARG C 272 -2.80 21.42 -5.81
CA ARG C 272 -2.72 22.51 -6.77
C ARG C 272 -3.08 23.80 -6.06
N THR C 273 -3.13 24.88 -6.82
CA THR C 273 -3.35 26.19 -6.23
C THR C 273 -4.82 26.56 -6.09
N ASP C 274 -5.71 25.86 -6.78
CA ASP C 274 -7.11 26.25 -6.82
C ASP C 274 -7.95 25.03 -7.15
N ILE C 275 -9.25 25.16 -6.94
CA ILE C 275 -10.18 24.10 -7.33
C ILE C 275 -10.65 24.25 -8.76
N ILE C 276 -10.41 25.39 -9.39
CA ILE C 276 -10.81 25.63 -10.77
C ILE C 276 -9.61 25.74 -11.68
N THR C 277 -8.40 25.66 -11.14
CA THR C 277 -7.21 25.86 -11.96
C THR C 277 -6.97 24.68 -12.87
N THR C 278 -6.16 24.90 -13.89
CA THR C 278 -5.98 23.93 -14.96
C THR C 278 -4.51 23.80 -15.34
N SER D 10 -43.44 -1.72 -3.02
CA SER D 10 -42.24 -0.95 -3.33
C SER D 10 -40.98 -1.73 -3.02
N ASP D 11 -39.85 -1.23 -3.49
CA ASP D 11 -38.55 -1.85 -3.27
C ASP D 11 -37.81 -1.27 -2.07
N ARG D 12 -38.38 -0.27 -1.43
CA ARG D 12 -37.72 0.40 -0.32
C ARG D 12 -37.75 -0.40 0.97
N VAL D 13 -38.64 -1.39 1.07
CA VAL D 13 -38.88 -2.09 2.32
C VAL D 13 -38.21 -3.45 2.28
N ARG D 14 -37.39 -3.73 3.28
CA ARG D 14 -36.82 -5.05 3.46
C ARG D 14 -37.39 -5.66 4.72
N SER D 15 -37.32 -6.99 4.78
CA SER D 15 -37.80 -7.72 5.95
C SER D 15 -36.80 -8.84 6.19
N ILE D 16 -35.99 -8.71 7.23
CA ILE D 16 -34.91 -9.64 7.50
C ILE D 16 -35.23 -10.39 8.78
N THR D 17 -35.46 -11.70 8.66
CA THR D 17 -35.82 -12.56 9.78
C THR D 17 -34.80 -13.69 9.87
N LEU D 18 -34.19 -13.86 11.04
CA LEU D 18 -33.35 -15.02 11.29
C LEU D 18 -33.59 -15.48 12.72
N GLY D 19 -33.99 -16.74 12.86
CA GLY D 19 -34.12 -17.33 14.18
C GLY D 19 -35.31 -16.76 14.92
N ASN D 20 -35.03 -16.05 16.01
CA ASN D 20 -36.07 -15.54 16.88
C ASN D 20 -36.12 -14.02 16.91
N SER D 21 -35.33 -13.34 16.07
CA SER D 21 -35.35 -11.90 16.04
C SER D 21 -35.43 -11.42 14.61
N THR D 22 -36.17 -10.34 14.40
CA THR D 22 -36.48 -9.82 13.08
C THR D 22 -36.15 -8.33 13.03
N ILE D 23 -35.75 -7.85 11.87
CA ILE D 23 -35.50 -6.43 11.65
C ILE D 23 -36.25 -5.99 10.42
N THR D 24 -37.13 -5.01 10.58
CA THR D 24 -37.84 -4.38 9.49
C THR D 24 -37.47 -2.90 9.44
N THR D 25 -37.56 -2.32 8.25
CA THR D 25 -37.33 -0.89 8.09
C THR D 25 -38.30 -0.33 7.07
N GLN D 26 -38.69 0.93 7.27
CA GLN D 26 -39.62 1.59 6.37
C GLN D 26 -39.03 1.90 5.02
N GLU D 27 -37.82 2.45 4.95
CA GLU D 27 -37.14 2.62 3.68
C GLU D 27 -35.66 2.35 3.86
N CYS D 28 -35.08 1.64 2.90
CA CYS D 28 -33.65 1.42 2.81
C CYS D 28 -33.35 0.93 1.41
N ALA D 29 -32.07 0.99 1.05
CA ALA D 29 -31.65 0.61 -0.31
C ALA D 29 -31.57 -0.89 -0.43
N ASN D 30 -31.02 -1.36 -1.53
CA ASN D 30 -30.89 -2.79 -1.75
C ASN D 30 -29.79 -3.37 -0.88
N VAL D 31 -29.79 -4.69 -0.76
CA VAL D 31 -28.79 -5.39 0.04
C VAL D 31 -27.64 -5.83 -0.86
N VAL D 32 -26.42 -5.52 -0.45
CA VAL D 32 -25.22 -5.89 -1.17
C VAL D 32 -24.64 -7.15 -0.54
N VAL D 33 -24.42 -8.18 -1.36
CA VAL D 33 -24.10 -9.50 -0.86
C VAL D 33 -22.70 -9.89 -1.34
N GLY D 34 -21.71 -9.57 -0.49
CA GLY D 34 -20.36 -10.10 -0.54
C GLY D 34 -19.63 -9.89 -1.85
N TYR D 35 -19.04 -10.96 -2.33
CA TYR D 35 -18.41 -10.98 -3.65
C TYR D 35 -19.22 -11.80 -4.63
N GLY D 36 -20.50 -11.96 -4.34
CA GLY D 36 -21.41 -12.64 -5.23
C GLY D 36 -21.85 -14.00 -4.77
N VAL D 37 -21.43 -14.44 -3.59
CA VAL D 37 -21.85 -15.72 -3.05
C VAL D 37 -22.60 -15.48 -1.75
N TRP D 38 -23.26 -16.47 -1.31
CA TRP D 38 -24.08 -16.67 -0.13
C TRP D 38 -23.37 -17.58 0.85
N PRO D 39 -23.48 -17.34 2.16
CA PRO D 39 -22.78 -18.18 3.14
C PRO D 39 -23.37 -19.58 3.22
N GLU D 40 -22.48 -20.57 3.22
CA GLU D 40 -22.89 -21.97 3.12
C GLU D 40 -22.19 -22.79 4.18
N TYR D 41 -22.71 -24.00 4.36
CA TYR D 41 -22.00 -24.99 5.15
C TYR D 41 -20.87 -25.60 4.33
N LEU D 42 -20.01 -26.34 5.00
CA LEU D 42 -18.81 -26.84 4.36
C LEU D 42 -19.00 -28.27 3.90
N LYS D 43 -18.65 -28.53 2.64
CA LYS D 43 -18.90 -29.81 2.00
C LYS D 43 -17.81 -30.81 2.40
N ASP D 44 -18.11 -32.11 2.26
CA ASP D 44 -17.22 -33.21 2.62
C ASP D 44 -15.91 -33.22 1.85
N ASN D 45 -15.91 -32.76 0.61
CA ASN D 45 -14.70 -32.77 -0.20
C ASN D 45 -13.68 -31.73 0.22
N GLU D 46 -14.09 -30.77 1.03
CA GLU D 46 -13.24 -29.65 1.39
C GLU D 46 -12.64 -29.77 2.78
N ALA D 47 -13.20 -30.62 3.62
CA ALA D 47 -12.90 -30.59 5.05
C ALA D 47 -11.51 -31.13 5.33
N THR D 48 -10.99 -30.75 6.49
CA THR D 48 -9.78 -31.33 7.02
C THR D 48 -9.89 -31.68 8.49
N ALA D 49 -10.95 -31.27 9.17
CA ALA D 49 -11.22 -31.70 10.53
C ALA D 49 -11.61 -33.17 10.52
N GLU D 50 -10.86 -33.97 11.27
CA GLU D 50 -11.09 -35.41 11.30
C GLU D 50 -12.40 -35.79 11.98
N ASP D 51 -12.95 -34.92 12.81
CA ASP D 51 -14.13 -35.23 13.61
C ASP D 51 -15.37 -34.53 13.04
N GLN D 52 -16.55 -34.99 13.47
CA GLN D 52 -17.82 -34.41 13.05
C GLN D 52 -18.08 -33.09 13.77
N PRO D 53 -18.42 -32.03 13.04
CA PRO D 53 -18.72 -30.76 13.69
C PRO D 53 -20.11 -30.72 14.29
N THR D 54 -20.39 -29.60 14.97
CA THR D 54 -21.69 -29.33 15.55
C THR D 54 -22.26 -28.04 14.97
N GLN D 55 -23.58 -27.94 14.94
CA GLN D 55 -24.28 -26.77 14.39
C GLN D 55 -25.44 -26.41 15.31
N PRO D 56 -25.27 -25.41 16.17
CA PRO D 56 -26.39 -24.99 17.03
C PRO D 56 -27.49 -24.29 16.26
N ASP D 57 -27.12 -23.40 15.34
CA ASP D 57 -27.86 -22.83 14.20
C ASP D 57 -29.18 -22.13 14.51
N VAL D 58 -29.62 -22.08 15.77
CA VAL D 58 -30.72 -21.21 16.16
C VAL D 58 -30.21 -20.40 17.35
N ALA D 59 -29.32 -21.00 18.11
CA ALA D 59 -28.74 -20.34 19.27
C ALA D 59 -27.59 -19.43 18.90
N THR D 60 -27.22 -19.41 17.63
CA THR D 60 -26.19 -18.50 17.14
C THR D 60 -26.66 -17.61 16.01
N CYS D 61 -27.69 -18.01 15.27
CA CYS D 61 -28.15 -17.25 14.11
C CYS D 61 -29.31 -16.35 14.52
N ARG D 62 -29.05 -15.53 15.52
CA ARG D 62 -29.97 -14.47 15.90
C ARG D 62 -29.18 -13.18 15.88
N PHE D 63 -29.87 -12.06 16.07
CA PHE D 63 -29.23 -10.77 15.97
C PHE D 63 -28.62 -10.38 17.31
N TYR D 64 -27.63 -9.51 17.27
CA TYR D 64 -27.00 -8.95 18.45
C TYR D 64 -26.81 -7.46 18.22
N THR D 65 -26.69 -6.70 19.30
CA THR D 65 -26.58 -5.26 19.21
C THR D 65 -25.39 -4.77 20.04
N LEU D 66 -24.47 -4.08 19.39
CA LEU D 66 -23.31 -3.55 20.08
C LEU D 66 -23.67 -2.25 20.80
N GLU D 67 -22.66 -1.61 21.37
CA GLU D 67 -22.88 -0.33 22.01
C GLU D 67 -22.94 0.78 20.97
N SER D 68 -23.95 1.63 21.11
CA SER D 68 -24.16 2.76 20.20
C SER D 68 -23.19 3.87 20.52
N VAL D 69 -22.72 4.57 19.49
CA VAL D 69 -21.86 5.72 19.66
C VAL D 69 -22.59 6.95 19.15
N GLN D 70 -22.16 8.10 19.64
CA GLN D 70 -22.83 9.37 19.33
C GLN D 70 -22.09 10.09 18.23
N TRP D 71 -22.77 10.32 17.11
CA TRP D 71 -22.20 11.07 16.00
C TRP D 71 -22.23 12.54 16.36
N MET D 72 -21.08 13.19 16.30
CA MET D 72 -20.95 14.60 16.57
C MET D 72 -20.50 15.32 15.29
N LYS D 73 -20.20 16.61 15.43
CA LYS D 73 -19.73 17.35 14.26
C LYS D 73 -18.30 16.99 13.90
N ASN D 74 -17.39 17.00 14.87
CA ASN D 74 -16.00 16.67 14.59
C ASN D 74 -15.71 15.19 14.83
N SER D 75 -16.56 14.33 14.27
CA SER D 75 -16.38 12.90 14.39
C SER D 75 -15.42 12.42 13.34
N ALA D 76 -14.48 11.58 13.75
CA ALA D 76 -13.47 11.08 12.83
C ALA D 76 -13.84 9.74 12.22
N GLY D 77 -14.34 8.81 13.00
CA GLY D 77 -14.67 7.50 12.49
C GLY D 77 -14.36 6.43 13.51
N TRP D 78 -15.09 5.33 13.41
CA TRP D 78 -14.99 4.26 14.40
C TRP D 78 -14.82 2.93 13.69
N TRP D 79 -14.36 1.94 14.45
CA TRP D 79 -14.23 0.61 13.89
C TRP D 79 -14.43 -0.44 14.97
N TRP D 80 -14.58 -1.68 14.53
CA TRP D 80 -14.63 -2.85 15.40
C TRP D 80 -13.93 -4.00 14.69
N LYS D 81 -13.17 -4.78 15.44
CA LYS D 81 -12.70 -6.07 14.95
C LYS D 81 -13.84 -7.05 15.09
N LEU D 82 -14.20 -7.70 13.99
CA LEU D 82 -15.53 -8.30 13.93
C LEU D 82 -15.70 -9.58 14.76
N PRO D 83 -14.93 -10.68 14.58
CA PRO D 83 -15.25 -11.86 15.40
C PRO D 83 -14.58 -11.83 16.76
N ASP D 84 -14.56 -10.66 17.38
CA ASP D 84 -13.96 -10.48 18.69
C ASP D 84 -14.91 -9.70 19.57
N ALA D 85 -15.69 -8.81 18.95
CA ALA D 85 -16.59 -7.97 19.73
C ALA D 85 -17.82 -8.74 20.18
N LEU D 86 -18.05 -9.92 19.61
CA LEU D 86 -19.16 -10.77 20.01
C LEU D 86 -18.75 -11.84 21.00
N SER D 87 -17.56 -11.72 21.57
CA SER D 87 -17.02 -12.77 22.43
C SER D 87 -17.62 -12.79 23.82
N GLN D 88 -18.59 -11.93 24.12
CA GLN D 88 -19.35 -12.01 25.35
C GLN D 88 -20.83 -11.93 25.05
N MET D 89 -21.18 -12.11 23.78
CA MET D 89 -22.54 -11.89 23.30
C MET D 89 -23.28 -13.22 23.32
N GLY D 90 -23.71 -13.62 24.51
CA GLY D 90 -24.57 -14.79 24.62
C GLY D 90 -23.79 -16.07 24.34
N LEU D 91 -24.51 -17.05 23.80
CA LEU D 91 -23.98 -18.39 23.61
C LEU D 91 -22.93 -18.46 22.51
N PHE D 92 -22.93 -17.50 21.59
CA PHE D 92 -21.83 -17.39 20.65
C PHE D 92 -20.54 -17.08 21.36
N GLY D 93 -20.58 -16.20 22.36
CA GLY D 93 -19.44 -16.00 23.22
C GLY D 93 -19.08 -17.21 24.04
N GLN D 94 -20.08 -17.98 24.46
CA GLN D 94 -19.81 -19.24 25.13
C GLN D 94 -19.18 -20.24 24.19
N ASN D 95 -19.73 -20.41 22.98
CA ASN D 95 -19.22 -21.42 22.07
C ASN D 95 -17.87 -21.05 21.49
N MET D 96 -17.54 -19.77 21.44
CA MET D 96 -16.21 -19.38 20.97
C MET D 96 -15.14 -19.77 21.97
N GLN D 97 -15.47 -19.75 23.25
CA GLN D 97 -14.48 -20.09 24.26
C GLN D 97 -14.22 -21.58 24.33
N TYR D 98 -15.16 -22.40 23.90
CA TYR D 98 -15.07 -23.82 24.20
C TYR D 98 -14.53 -24.66 23.05
N HIS D 99 -14.16 -24.07 21.93
CA HIS D 99 -13.72 -24.87 20.80
C HIS D 99 -12.36 -24.43 20.31
N TYR D 100 -11.82 -25.20 19.37
CA TYR D 100 -10.54 -24.88 18.80
C TYR D 100 -10.66 -24.31 17.40
N LEU D 101 -11.64 -24.76 16.63
CA LEU D 101 -11.81 -24.29 15.26
C LEU D 101 -13.13 -23.57 15.10
N GLY D 102 -13.43 -23.21 13.86
CA GLY D 102 -14.73 -22.64 13.54
C GLY D 102 -14.74 -21.74 12.32
N ARG D 103 -15.88 -21.64 11.65
CA ARG D 103 -16.07 -20.70 10.57
C ARG D 103 -17.49 -20.17 10.64
N THR D 104 -17.65 -18.90 10.31
CA THR D 104 -18.96 -18.23 10.43
C THR D 104 -19.22 -17.40 9.18
N GLY D 105 -20.49 -17.22 8.87
CA GLY D 105 -20.92 -16.18 7.97
C GLY D 105 -21.26 -14.92 8.76
N TYR D 106 -21.66 -13.89 8.04
CA TYR D 106 -22.03 -12.64 8.68
C TYR D 106 -23.10 -11.90 7.91
N THR D 107 -24.00 -11.26 8.66
CA THR D 107 -24.90 -10.25 8.15
C THR D 107 -24.69 -9.01 8.99
N ILE D 108 -24.49 -7.87 8.34
CA ILE D 108 -24.23 -6.62 9.04
C ILE D 108 -25.32 -5.64 8.64
N HIS D 109 -25.95 -5.04 9.65
CA HIS D 109 -27.00 -4.04 9.41
C HIS D 109 -26.75 -2.87 10.34
N VAL D 110 -26.29 -1.79 9.79
CA VAL D 110 -26.11 -0.54 10.53
C VAL D 110 -27.30 0.36 10.23
N GLN D 111 -27.77 1.08 11.23
CA GLN D 111 -28.89 1.99 11.03
C GLN D 111 -28.68 3.26 11.83
N CYS D 112 -29.14 4.37 11.27
CA CYS D 112 -29.07 5.67 11.91
C CYS D 112 -30.12 6.55 11.25
N ASN D 113 -31.01 7.13 12.05
CA ASN D 113 -32.10 7.91 11.52
C ASN D 113 -31.99 9.36 11.95
N ALA D 114 -32.57 10.23 11.15
CA ALA D 114 -32.61 11.66 11.43
C ALA D 114 -33.77 12.26 10.66
N SER D 115 -33.97 13.55 10.82
CA SER D 115 -35.04 14.24 10.11
C SER D 115 -34.58 14.51 8.68
N LYS D 116 -35.43 15.17 7.91
CA LYS D 116 -35.06 15.61 6.57
C LYS D 116 -34.31 16.93 6.61
N PHE D 117 -34.03 17.47 7.78
CA PHE D 117 -33.44 18.78 7.92
C PHE D 117 -31.96 18.70 8.26
N HIS D 118 -31.42 17.52 8.50
CA HIS D 118 -30.01 17.35 8.77
C HIS D 118 -29.26 17.05 7.48
N GLN D 119 -27.93 17.09 7.57
CA GLN D 119 -27.10 16.81 6.42
C GLN D 119 -25.92 15.96 6.85
N GLY D 120 -25.49 15.10 5.94
CA GLY D 120 -24.35 14.25 6.21
C GLY D 120 -24.44 12.98 5.41
N CYS D 121 -23.27 12.39 5.18
CA CYS D 121 -23.21 11.16 4.41
C CYS D 121 -22.09 10.29 4.95
N LEU D 122 -22.46 9.19 5.57
CA LEU D 122 -21.50 8.26 6.14
C LEU D 122 -21.05 7.30 5.06
N LEU D 123 -20.01 6.55 5.37
CA LEU D 123 -19.57 5.44 4.54
C LEU D 123 -19.36 4.25 5.44
N VAL D 124 -20.01 3.14 5.12
CA VAL D 124 -19.79 1.90 5.84
C VAL D 124 -19.16 0.91 4.86
N VAL D 125 -17.97 0.45 5.22
CA VAL D 125 -17.25 -0.54 4.45
C VAL D 125 -16.81 -1.62 5.43
N CYS D 126 -16.64 -2.84 4.94
CA CYS D 126 -16.04 -3.91 5.73
C CYS D 126 -14.81 -4.39 4.98
N VAL D 127 -13.74 -4.65 5.70
CA VAL D 127 -12.46 -5.01 5.11
C VAL D 127 -12.02 -6.35 5.69
N PRO D 128 -11.71 -7.34 4.85
CA PRO D 128 -11.04 -8.54 5.34
C PRO D 128 -9.54 -8.33 5.41
N GLU D 129 -8.95 -8.94 6.45
CA GLU D 129 -7.51 -8.93 6.71
C GLU D 129 -6.97 -7.51 6.85
N ALA D 130 -7.40 -6.83 7.90
CA ALA D 130 -7.03 -5.43 8.10
C ALA D 130 -5.94 -5.35 9.16
N GLU D 131 -4.72 -5.14 8.70
CA GLU D 131 -3.62 -4.86 9.63
C GLU D 131 -3.63 -3.40 10.03
N MET D 132 -2.97 -3.07 11.12
CA MET D 132 -2.82 -1.69 11.55
C MET D 132 -1.35 -1.36 11.74
N GLY D 133 -1.08 -0.07 11.94
CA GLY D 133 0.27 0.40 12.19
C GLY D 133 0.38 1.12 13.51
N CYS D 134 1.50 0.89 14.20
CA CYS D 134 1.73 1.47 15.51
C CYS D 134 2.12 2.93 15.38
N SER D 135 2.10 3.62 16.52
CA SER D 135 2.61 4.99 16.55
C SER D 135 4.11 5.01 16.34
N ASN D 136 4.86 4.34 17.21
CA ASN D 136 6.28 4.14 17.00
C ASN D 136 6.47 3.11 15.91
N LEU D 137 7.31 3.42 14.93
CA LEU D 137 7.49 2.55 13.77
C LEU D 137 8.18 1.25 14.10
N ASN D 138 8.90 1.16 15.21
CA ASN D 138 9.67 -0.02 15.51
C ASN D 138 8.93 -1.07 16.33
N ASN D 139 7.69 -0.81 16.71
CA ASN D 139 6.93 -1.75 17.51
C ASN D 139 5.59 -2.06 16.85
N THR D 140 4.86 -2.97 17.48
CA THR D 140 3.50 -3.31 17.14
C THR D 140 2.60 -3.04 18.35
N PRO D 141 1.39 -2.54 18.14
CA PRO D 141 0.56 -2.13 19.29
C PRO D 141 0.00 -3.33 20.03
N GLU D 142 -0.40 -3.09 21.27
CA GLU D 142 -0.88 -4.15 22.14
C GLU D 142 -2.30 -4.55 21.77
N PHE D 143 -2.81 -5.56 22.49
CA PHE D 143 -4.12 -6.13 22.16
C PHE D 143 -5.24 -5.16 22.46
N SER D 144 -5.18 -4.47 23.60
CA SER D 144 -6.32 -3.68 24.05
C SER D 144 -6.55 -2.44 23.20
N GLU D 145 -5.56 -1.99 22.46
CA GLU D 145 -5.78 -0.84 21.59
C GLU D 145 -6.36 -1.23 20.25
N LEU D 146 -6.31 -2.51 19.90
CA LEU D 146 -6.86 -2.92 18.62
C LEU D 146 -8.37 -3.03 18.66
N SER D 147 -8.93 -3.49 19.78
CA SER D 147 -10.38 -3.64 19.86
C SER D 147 -10.82 -3.51 21.30
N GLY D 148 -12.08 -3.15 21.47
CA GLY D 148 -12.71 -3.21 22.76
C GLY D 148 -13.78 -4.27 22.75
N GLY D 149 -14.15 -4.76 23.92
CA GLY D 149 -15.26 -5.69 24.02
C GLY D 149 -16.56 -4.97 23.76
N ASP D 150 -17.16 -5.27 22.59
CA ASP D 150 -18.43 -4.70 22.09
C ASP D 150 -18.50 -3.16 22.18
N SER D 151 -17.36 -2.50 22.10
CA SER D 151 -17.30 -1.04 22.14
C SER D 151 -16.48 -0.56 20.96
N ALA D 152 -16.68 0.69 20.59
CA ALA D 152 -16.00 1.22 19.42
C ALA D 152 -14.67 1.83 19.81
N ARG D 153 -13.65 1.58 19.00
CA ARG D 153 -12.45 2.38 19.02
C ARG D 153 -12.58 3.45 17.94
N MET D 154 -12.24 4.68 18.29
CA MET D 154 -12.53 5.82 17.43
C MET D 154 -11.25 6.34 16.79
N PHE D 155 -11.38 6.86 15.57
CA PHE D 155 -10.25 7.48 14.91
C PHE D 155 -10.03 8.88 15.46
N THR D 156 -8.94 9.51 14.99
CA THR D 156 -8.68 10.92 15.24
C THR D 156 -8.43 11.62 13.92
N ASP D 157 -8.82 12.88 13.84
CA ASP D 157 -8.57 13.68 12.65
C ASP D 157 -7.16 14.25 12.61
N THR D 158 -6.34 13.99 13.61
CA THR D 158 -4.97 14.44 13.67
C THR D 158 -4.04 13.23 13.68
N GLN D 159 -2.75 13.49 13.91
CA GLN D 159 -1.72 12.47 13.86
C GLN D 159 -1.33 12.10 15.29
N VAL D 160 -1.28 10.79 15.56
CA VAL D 160 -0.81 10.33 16.86
C VAL D 160 0.70 10.51 16.95
N GLY D 161 1.17 11.00 18.09
CA GLY D 161 2.57 11.34 18.25
C GLY D 161 3.47 10.11 18.29
N GLU D 162 4.77 10.39 18.25
CA GLU D 162 5.79 9.35 18.22
C GLU D 162 6.21 8.91 19.63
N SER D 163 6.02 9.76 20.63
CA SER D 163 6.47 9.48 21.99
C SER D 163 5.73 8.30 22.63
N ASN D 164 4.56 7.94 22.11
CA ASN D 164 3.78 6.85 22.67
C ASN D 164 4.39 5.52 22.26
N ALA D 165 4.29 4.54 23.15
CA ALA D 165 5.00 3.27 22.94
C ALA D 165 4.21 2.35 22.02
N LYS D 166 3.03 1.90 22.45
CA LYS D 166 2.23 0.95 21.69
C LYS D 166 0.83 1.54 21.56
N LYS D 167 0.64 2.39 20.57
CA LYS D 167 -0.65 2.96 20.24
C LYS D 167 -0.81 2.97 18.73
N VAL D 168 -2.04 2.84 18.29
CA VAL D 168 -2.34 2.69 16.87
C VAL D 168 -2.37 4.06 16.23
N GLN D 169 -1.65 4.21 15.12
CA GLN D 169 -1.71 5.44 14.35
C GLN D 169 -3.08 5.53 13.68
N THR D 170 -3.86 6.52 14.07
CA THR D 170 -5.26 6.59 13.69
C THR D 170 -5.58 7.82 12.85
N ALA D 171 -4.71 8.15 11.91
CA ALA D 171 -5.00 9.24 10.97
C ALA D 171 -6.06 8.76 9.99
N VAL D 172 -7.12 9.55 9.83
CA VAL D 172 -8.29 9.11 9.08
C VAL D 172 -8.00 8.94 7.60
N TRP D 173 -7.34 9.91 6.97
CA TRP D 173 -7.12 9.88 5.54
C TRP D 173 -6.13 8.79 5.10
N ASN D 174 -5.48 8.11 6.02
CA ASN D 174 -4.62 6.99 5.69
C ASN D 174 -5.18 5.65 6.13
N ALA D 175 -6.27 5.67 6.91
CA ALA D 175 -7.06 4.50 7.31
C ALA D 175 -6.27 3.47 8.10
N GLY D 176 -5.15 3.87 8.72
CA GLY D 176 -4.37 2.96 9.52
C GLY D 176 -3.52 1.97 8.76
N MET D 177 -3.76 1.78 7.47
CA MET D 177 -2.99 0.86 6.65
C MET D 177 -2.14 1.58 5.63
N GLY D 178 -2.09 2.90 5.66
CA GLY D 178 -1.30 3.66 4.71
C GLY D 178 -1.85 3.67 3.31
N VAL D 179 -3.17 3.54 3.14
CA VAL D 179 -3.75 3.57 1.80
C VAL D 179 -4.61 4.82 1.67
N GLY D 180 -4.98 5.16 0.43
CA GLY D 180 -5.83 6.29 0.18
C GLY D 180 -7.28 5.92 0.38
N VAL D 181 -7.96 6.66 1.26
CA VAL D 181 -9.32 6.29 1.66
C VAL D 181 -10.32 6.51 0.55
N GLY D 182 -9.97 7.30 -0.46
CA GLY D 182 -10.82 7.39 -1.64
C GLY D 182 -10.88 6.11 -2.44
N ASN D 183 -9.86 5.27 -2.32
CA ASN D 183 -9.84 4.00 -3.01
C ASN D 183 -10.48 2.87 -2.22
N LEU D 184 -11.11 3.18 -1.09
CA LEU D 184 -11.59 2.14 -0.20
C LEU D 184 -12.82 1.43 -0.70
N THR D 185 -13.47 1.92 -1.74
CA THR D 185 -14.73 1.38 -2.19
C THR D 185 -14.58 0.10 -3.00
N ILE D 186 -13.37 -0.41 -3.15
CA ILE D 186 -13.18 -1.68 -3.84
C ILE D 186 -13.68 -2.84 -2.99
N PHE D 187 -13.60 -2.74 -1.69
CA PHE D 187 -14.25 -3.69 -0.81
C PHE D 187 -15.76 -3.49 -0.85
N PRO D 188 -16.54 -4.52 -0.50
CA PRO D 188 -18.00 -4.37 -0.48
C PRO D 188 -18.44 -3.33 0.54
N HIS D 189 -19.16 -2.33 0.07
CA HIS D 189 -19.47 -1.15 0.83
C HIS D 189 -20.88 -0.70 0.52
N GLN D 190 -21.35 0.29 1.27
CA GLN D 190 -22.64 0.89 0.99
C GLN D 190 -22.63 2.29 1.60
N TRP D 191 -23.50 3.14 1.07
CA TRP D 191 -23.57 4.53 1.51
C TRP D 191 -24.84 4.77 2.30
N ILE D 192 -24.72 5.63 3.30
CA ILE D 192 -25.88 6.11 4.05
C ILE D 192 -25.93 7.61 3.82
N ASN D 193 -26.81 8.05 2.95
CA ASN D 193 -27.07 9.45 2.75
C ASN D 193 -28.39 9.80 3.41
N LEU D 194 -28.36 10.77 4.33
CA LEU D 194 -29.54 11.09 5.11
C LEU D 194 -30.63 11.77 4.28
N ARG D 195 -30.29 12.23 3.08
CA ARG D 195 -31.29 12.81 2.19
C ARG D 195 -32.25 11.74 1.70
N THR D 196 -31.73 10.56 1.37
CA THR D 196 -32.56 9.54 0.73
C THR D 196 -32.53 8.20 1.43
N ASN D 197 -31.42 7.81 2.04
CA ASN D 197 -31.32 6.48 2.62
C ASN D 197 -31.42 6.54 4.14
N ASN D 198 -31.62 5.38 4.75
CA ASN D 198 -31.69 5.33 6.20
C ASN D 198 -30.88 4.23 6.85
N SER D 199 -30.57 3.14 6.16
CA SER D 199 -29.81 2.06 6.76
C SER D 199 -29.12 1.29 5.66
N ALA D 200 -28.15 0.47 6.07
CA ALA D 200 -27.32 -0.27 5.12
C ALA D 200 -27.27 -1.72 5.56
N THR D 201 -27.07 -2.62 4.61
CA THR D 201 -27.04 -4.05 4.88
C THR D 201 -25.87 -4.70 4.16
N LEU D 202 -25.01 -5.36 4.93
CA LEU D 202 -23.90 -6.11 4.37
C LEU D 202 -24.07 -7.58 4.67
N VAL D 203 -23.88 -8.41 3.66
CA VAL D 203 -23.88 -9.86 3.83
C VAL D 203 -22.54 -10.36 3.36
N MET D 204 -21.78 -11.01 4.24
CA MET D 204 -20.42 -11.37 3.95
C MET D 204 -20.19 -12.86 4.18
N PRO D 205 -19.50 -13.54 3.27
CA PRO D 205 -19.17 -14.94 3.49
C PRO D 205 -17.82 -15.06 4.18
N TYR D 206 -17.47 -16.28 4.54
CA TYR D 206 -16.26 -16.55 5.31
C TYR D 206 -15.04 -16.48 4.39
N ILE D 207 -14.11 -15.59 4.70
CA ILE D 207 -12.97 -15.30 3.84
C ILE D 207 -11.68 -15.62 4.59
N ASN D 208 -11.02 -16.69 4.18
CA ASN D 208 -9.75 -17.08 4.77
C ASN D 208 -9.04 -18.02 3.81
N SER D 209 -7.74 -18.13 3.98
CA SER D 209 -6.94 -19.11 3.26
C SER D 209 -7.10 -20.51 3.81
N VAL D 210 -7.57 -20.64 5.04
CA VAL D 210 -7.74 -21.94 5.68
C VAL D 210 -9.23 -22.14 5.90
N PRO D 211 -9.74 -23.35 5.63
CA PRO D 211 -11.18 -23.59 5.75
C PRO D 211 -11.76 -23.44 7.15
N MET D 212 -10.96 -23.59 8.20
CA MET D 212 -11.45 -23.33 9.53
C MET D 212 -10.36 -22.57 10.28
N ASP D 213 -10.76 -21.94 11.39
CA ASP D 213 -9.81 -21.13 12.12
C ASP D 213 -10.19 -21.05 13.59
N ASN D 214 -9.18 -20.78 14.41
CA ASN D 214 -9.41 -20.36 15.79
C ASN D 214 -9.80 -18.89 15.76
N MET D 215 -10.76 -18.51 16.58
CA MET D 215 -11.24 -17.14 16.55
C MET D 215 -10.53 -16.22 17.51
N PHE D 216 -9.83 -16.76 18.51
CA PHE D 216 -9.19 -15.89 19.50
C PHE D 216 -7.95 -15.20 18.99
N ARG D 217 -7.18 -15.82 18.10
CA ARG D 217 -5.93 -15.22 17.64
C ARG D 217 -5.97 -14.88 16.15
N HIS D 218 -7.16 -14.66 15.59
CA HIS D 218 -7.27 -14.25 14.20
C HIS D 218 -8.60 -13.54 14.00
N ASN D 219 -8.55 -12.26 13.69
CA ASN D 219 -9.73 -11.50 13.29
C ASN D 219 -9.72 -11.42 11.77
N ASN D 220 -10.62 -12.14 11.13
CA ASN D 220 -10.64 -12.21 9.68
C ASN D 220 -11.53 -11.16 9.04
N LEU D 221 -12.20 -10.34 9.85
CA LEU D 221 -13.07 -9.32 9.29
C LEU D 221 -12.99 -8.08 10.16
N THR D 222 -13.07 -6.93 9.51
CA THR D 222 -13.02 -5.66 10.22
C THR D 222 -14.04 -4.73 9.62
N LEU D 223 -14.83 -4.09 10.46
CA LEU D 223 -15.86 -3.15 10.05
C LEU D 223 -15.37 -1.75 10.31
N MET D 224 -15.53 -0.87 9.34
CA MET D 224 -15.16 0.53 9.46
C MET D 224 -16.33 1.41 9.07
N ILE D 225 -16.42 2.57 9.72
CA ILE D 225 -17.44 3.57 9.44
C ILE D 225 -16.74 4.91 9.45
N ILE D 226 -16.77 5.62 8.31
CA ILE D 226 -16.03 6.86 8.14
C ILE D 226 -16.99 7.95 7.67
N PRO D 227 -17.10 9.06 8.36
CA PRO D 227 -17.91 10.19 7.88
C PRO D 227 -17.11 11.04 6.90
N PHE D 228 -17.49 10.99 5.63
CA PHE D 228 -16.93 11.96 4.69
C PHE D 228 -17.49 13.35 4.93
N VAL D 229 -18.79 13.50 4.74
CA VAL D 229 -19.47 14.77 4.90
C VAL D 229 -19.73 14.96 6.39
N PRO D 230 -19.30 16.06 6.99
CA PRO D 230 -19.56 16.26 8.41
C PRO D 230 -21.04 16.49 8.65
N LEU D 231 -21.50 15.98 9.79
CA LEU D 231 -22.87 16.14 10.19
C LEU D 231 -23.17 17.61 10.44
N ASN D 232 -24.18 18.13 9.75
CA ASN D 232 -24.47 19.55 9.85
C ASN D 232 -25.96 19.74 9.95
N TYR D 233 -26.36 20.71 10.76
CA TYR D 233 -27.76 21.03 10.95
C TYR D 233 -27.85 22.48 11.37
N SER D 234 -28.98 23.09 11.08
CA SER D 234 -29.28 24.42 11.59
C SER D 234 -29.80 24.31 13.02
N GLU D 235 -29.94 25.46 13.65
CA GLU D 235 -30.27 25.45 15.07
C GLU D 235 -31.76 25.19 15.28
N GLY D 236 -32.07 24.29 16.21
CA GLY D 236 -33.44 23.95 16.56
C GLY D 236 -33.71 22.46 16.53
N SER D 237 -32.90 21.71 15.80
CA SER D 237 -33.09 20.27 15.75
C SER D 237 -32.39 19.60 16.92
N SER D 238 -32.50 18.29 16.97
CA SER D 238 -31.85 17.53 18.02
C SER D 238 -30.36 17.45 17.74
N PRO D 239 -29.51 17.80 18.68
CA PRO D 239 -28.07 17.75 18.43
C PRO D 239 -27.44 16.40 18.73
N TYR D 240 -28.14 15.56 19.48
CA TYR D 240 -27.59 14.28 19.94
C TYR D 240 -28.13 13.16 19.06
N VAL D 241 -27.31 12.70 18.12
CA VAL D 241 -27.73 11.68 17.17
C VAL D 241 -26.85 10.44 17.28
N PRO D 242 -27.43 9.27 17.56
CA PRO D 242 -26.61 8.07 17.74
C PRO D 242 -26.48 7.25 16.46
N ILE D 243 -25.60 6.26 16.54
CA ILE D 243 -25.42 5.27 15.48
C ILE D 243 -25.33 3.90 16.12
N THR D 244 -26.24 3.00 15.72
CA THR D 244 -26.28 1.65 16.24
C THR D 244 -25.92 0.67 15.13
N VAL D 245 -25.32 -0.45 15.50
CA VAL D 245 -25.04 -1.52 14.57
C VAL D 245 -25.72 -2.78 15.07
N THR D 246 -26.04 -3.69 14.16
CA THR D 246 -26.63 -4.97 14.49
C THR D 246 -25.92 -6.05 13.69
N ILE D 247 -25.42 -7.06 14.38
CA ILE D 247 -24.58 -8.08 13.77
C ILE D 247 -25.19 -9.43 14.07
N ALA D 248 -25.37 -10.23 13.02
CA ALA D 248 -25.89 -11.57 13.18
C ALA D 248 -25.07 -12.54 12.35
N PRO D 249 -24.66 -13.67 12.91
CA PRO D 249 -23.89 -14.64 12.13
C PRO D 249 -24.82 -15.57 11.37
N MET D 250 -24.22 -16.36 10.48
CA MET D 250 -24.97 -17.28 9.64
C MET D 250 -24.20 -18.58 9.47
N CYS D 251 -24.90 -19.71 9.67
CA CYS D 251 -24.46 -21.07 9.39
C CYS D 251 -23.11 -21.41 10.02
N ALA D 252 -22.91 -20.95 11.25
CA ALA D 252 -21.67 -21.19 11.98
C ALA D 252 -21.59 -22.62 12.46
N GLU D 253 -20.38 -23.08 12.72
CA GLU D 253 -20.14 -24.43 13.24
C GLU D 253 -18.81 -24.44 13.96
N TYR D 254 -18.53 -25.55 14.64
CA TYR D 254 -17.36 -25.63 15.50
C TYR D 254 -16.75 -27.02 15.47
N ASN D 255 -15.54 -27.14 15.99
CA ASN D 255 -14.83 -28.40 16.16
C ASN D 255 -13.86 -28.31 17.32
N GLY D 256 -13.41 -29.47 17.77
CA GLY D 256 -12.34 -29.55 18.74
C GLY D 256 -12.73 -29.06 20.11
N LEU D 257 -13.58 -29.81 20.80
CA LEU D 257 -14.09 -29.39 22.09
C LEU D 257 -13.00 -29.54 23.15
N ARG D 258 -12.53 -28.41 23.66
CA ARG D 258 -11.55 -28.45 24.74
C ARG D 258 -12.02 -27.47 25.80
N LEU D 259 -11.27 -27.34 26.89
CA LEU D 259 -11.71 -26.61 28.06
C LEU D 259 -11.81 -25.10 27.80
N ALA D 260 -12.24 -24.39 28.83
CA ALA D 260 -12.88 -23.09 28.67
C ALA D 260 -11.94 -21.95 28.28
N SER D 261 -10.73 -21.90 28.84
CA SER D 261 -9.80 -20.75 28.74
C SER D 261 -10.46 -19.43 29.13
N GLY E 1 25.61 -37.31 -31.47
CA GLY E 1 25.53 -35.86 -31.46
C GLY E 1 25.01 -35.34 -32.78
N LEU E 2 23.92 -34.60 -32.73
CA LEU E 2 23.31 -34.10 -33.95
C LEU E 2 24.05 -32.86 -34.43
N PRO E 3 24.21 -32.67 -35.74
CA PRO E 3 24.88 -31.47 -36.25
C PRO E 3 23.95 -30.27 -36.15
N VAL E 4 24.31 -29.32 -35.29
CA VAL E 4 23.47 -28.16 -35.03
C VAL E 4 24.40 -26.96 -34.88
N MET E 5 23.89 -25.75 -35.13
CA MET E 5 24.69 -24.54 -34.98
C MET E 5 24.04 -23.65 -33.93
N THR E 6 24.86 -23.13 -33.03
CA THR E 6 24.37 -22.20 -32.01
C THR E 6 23.97 -20.87 -32.64
N THR E 7 22.71 -20.56 -32.55
CA THR E 7 22.19 -19.33 -33.07
C THR E 7 22.62 -18.16 -32.18
N PRO E 8 22.76 -16.96 -32.75
CA PRO E 8 22.96 -15.79 -31.91
C PRO E 8 21.76 -15.54 -31.02
N GLY E 9 22.03 -15.08 -29.81
CA GLY E 9 20.98 -14.86 -28.85
C GLY E 9 20.85 -15.92 -27.80
N SER E 10 21.78 -16.88 -27.73
CA SER E 10 21.78 -17.82 -26.63
C SER E 10 22.54 -17.22 -25.47
N THR E 11 22.64 -18.00 -24.38
CA THR E 11 23.21 -17.66 -23.05
C THR E 11 22.89 -16.23 -22.60
N GLN E 12 21.66 -15.80 -22.83
CA GLN E 12 21.18 -14.51 -22.36
C GLN E 12 20.12 -14.73 -21.32
N PHE E 13 19.80 -13.67 -20.59
CA PHE E 13 18.81 -13.72 -19.53
C PHE E 13 17.85 -12.56 -19.74
N LEU E 14 16.63 -12.87 -20.16
CA LEU E 14 15.64 -11.87 -20.49
C LEU E 14 14.75 -11.64 -19.28
N THR E 15 14.28 -10.41 -19.12
CA THR E 15 13.44 -10.06 -17.98
C THR E 15 12.01 -10.55 -18.13
N SER E 16 11.59 -10.94 -19.34
CA SER E 16 10.21 -11.34 -19.60
C SER E 16 10.18 -12.58 -20.48
N ASP E 17 10.99 -13.56 -20.14
CA ASP E 17 11.10 -14.78 -20.93
C ASP E 17 9.93 -15.71 -20.62
N ASP E 18 9.90 -16.83 -21.36
CA ASP E 18 8.90 -17.88 -21.12
C ASP E 18 9.52 -19.18 -21.63
N PHE E 19 9.94 -20.02 -20.69
CA PHE E 19 10.53 -21.31 -21.02
C PHE E 19 10.10 -22.33 -19.99
N GLN E 20 10.64 -23.53 -20.10
CA GLN E 20 10.44 -24.59 -19.13
C GLN E 20 11.74 -24.85 -18.40
N SER E 21 11.64 -25.18 -17.13
CA SER E 21 12.79 -25.40 -16.28
C SER E 21 12.65 -26.72 -15.57
N PRO E 22 13.76 -27.41 -15.31
CA PRO E 22 13.68 -28.61 -14.48
C PRO E 22 13.32 -28.25 -13.05
N SER E 23 12.48 -29.08 -12.45
CA SER E 23 12.03 -28.84 -11.09
C SER E 23 13.13 -29.17 -10.10
N ALA E 24 13.02 -28.62 -8.91
CA ALA E 24 13.91 -28.99 -7.82
C ALA E 24 13.23 -29.85 -6.78
N MET E 25 11.90 -29.82 -6.72
CA MET E 25 11.10 -30.70 -5.87
C MET E 25 10.58 -31.83 -6.74
N PRO E 26 11.21 -33.00 -6.71
CA PRO E 26 10.76 -34.09 -7.58
C PRO E 26 9.50 -34.72 -7.02
N GLN E 27 8.45 -34.73 -7.86
CA GLN E 27 7.15 -35.34 -7.55
C GLN E 27 6.53 -34.77 -6.28
N PHE E 28 6.59 -33.45 -6.15
CA PHE E 28 6.01 -32.79 -4.99
C PHE E 28 4.50 -32.88 -5.04
N ASP E 29 3.89 -33.10 -3.88
CA ASP E 29 2.45 -33.20 -3.75
C ASP E 29 1.94 -31.83 -3.31
N VAL E 30 1.15 -31.20 -4.16
CA VAL E 30 0.65 -29.88 -3.85
C VAL E 30 -0.63 -29.98 -3.02
N THR E 31 -0.81 -29.01 -2.15
CA THR E 31 -2.07 -28.84 -1.43
C THR E 31 -3.18 -28.56 -2.42
N PRO E 32 -4.33 -29.21 -2.29
CA PRO E 32 -5.41 -29.03 -3.27
C PRO E 32 -6.03 -27.65 -3.22
N GLU E 33 -6.79 -27.36 -4.28
CA GLU E 33 -7.40 -26.06 -4.49
C GLU E 33 -8.56 -25.84 -3.53
N MET E 34 -9.06 -24.60 -3.50
CA MET E 34 -10.10 -24.22 -2.58
C MET E 34 -10.97 -23.14 -3.22
N GLN E 35 -12.26 -23.18 -2.94
CA GLN E 35 -13.21 -22.25 -3.56
C GLN E 35 -13.27 -20.99 -2.71
N ILE E 36 -12.34 -20.09 -2.96
CA ILE E 36 -12.26 -18.82 -2.23
C ILE E 36 -13.12 -17.81 -2.99
N PRO E 37 -14.03 -17.11 -2.32
CA PRO E 37 -14.91 -16.18 -3.03
C PRO E 37 -14.16 -14.94 -3.46
N GLY E 38 -14.50 -14.45 -4.65
CA GLY E 38 -13.86 -13.26 -5.16
C GLY E 38 -12.53 -13.56 -5.84
N ARG E 39 -12.57 -14.42 -6.84
CA ARG E 39 -11.38 -14.69 -7.64
C ARG E 39 -11.35 -13.74 -8.83
N VAL E 40 -10.38 -12.83 -8.84
CA VAL E 40 -10.17 -11.93 -9.95
C VAL E 40 -9.43 -12.70 -11.02
N ASN E 41 -9.71 -12.39 -12.29
CA ASN E 41 -9.04 -13.08 -13.39
C ASN E 41 -8.60 -12.15 -14.50
N ASN E 42 -8.90 -10.85 -14.41
CA ASN E 42 -8.31 -9.86 -15.29
C ASN E 42 -8.30 -8.54 -14.54
N LEU E 43 -7.37 -7.65 -14.92
CA LEU E 43 -7.19 -6.42 -14.16
C LEU E 43 -8.30 -5.41 -14.37
N MET E 44 -9.12 -5.57 -15.41
CA MET E 44 -10.16 -4.60 -15.69
C MET E 44 -11.36 -4.75 -14.77
N GLU E 45 -11.43 -5.81 -13.99
CA GLU E 45 -12.46 -5.94 -12.97
C GLU E 45 -12.25 -4.98 -11.81
N ILE E 46 -11.01 -4.68 -11.46
CA ILE E 46 -10.75 -3.65 -10.46
C ILE E 46 -11.02 -2.28 -11.06
N ALA E 47 -10.69 -2.10 -12.33
CA ALA E 47 -10.77 -0.78 -12.96
C ALA E 47 -12.20 -0.33 -13.21
N GLU E 48 -13.18 -1.19 -12.98
CA GLU E 48 -14.56 -0.76 -13.12
C GLU E 48 -15.15 -0.22 -11.81
N VAL E 49 -14.49 -0.44 -10.70
CA VAL E 49 -15.01 0.00 -9.42
C VAL E 49 -14.66 1.48 -9.22
N ASP E 50 -15.67 2.29 -8.95
CA ASP E 50 -15.50 3.73 -8.82
C ASP E 50 -14.79 4.09 -7.53
N SER E 51 -14.19 5.28 -7.52
CA SER E 51 -13.46 5.76 -6.36
C SER E 51 -13.64 7.25 -6.20
N VAL E 52 -13.47 7.74 -4.99
CA VAL E 52 -13.71 9.13 -4.70
C VAL E 52 -12.44 9.92 -4.97
N VAL E 53 -12.54 10.92 -5.82
CA VAL E 53 -11.39 11.66 -6.33
C VAL E 53 -11.15 12.86 -5.43
N PRO E 54 -9.90 13.14 -5.04
CA PRO E 54 -9.63 14.35 -4.26
C PRO E 54 -9.63 15.60 -5.11
N VAL E 55 -10.80 16.21 -5.31
CA VAL E 55 -10.85 17.43 -6.09
C VAL E 55 -10.31 18.63 -5.32
N ASN E 56 -10.68 18.76 -4.06
CA ASN E 56 -10.42 20.00 -3.31
C ASN E 56 -8.97 20.02 -2.80
N ASN E 57 -8.06 20.24 -3.74
CA ASN E 57 -6.63 20.34 -3.41
C ASN E 57 -6.28 21.80 -3.26
N THR E 58 -6.50 22.34 -2.08
CA THR E 58 -6.15 23.73 -1.82
C THR E 58 -5.07 23.83 -0.74
N GLU E 59 -4.08 22.94 -0.81
CA GLU E 59 -2.79 23.00 -0.12
C GLU E 59 -2.88 22.72 1.38
N ASP E 60 -4.07 22.50 1.91
CA ASP E 60 -4.20 22.19 3.33
C ASP E 60 -5.21 21.09 3.59
N ASN E 61 -6.06 20.79 2.62
CA ASN E 61 -7.04 19.74 2.78
C ASN E 61 -6.51 18.36 2.43
N VAL E 62 -5.29 18.27 1.92
CA VAL E 62 -4.74 16.98 1.53
C VAL E 62 -4.40 16.13 2.74
N SER E 63 -4.07 16.76 3.86
CA SER E 63 -3.94 16.04 5.13
C SER E 63 -5.22 16.18 5.95
N SER E 64 -6.34 15.82 5.34
CA SER E 64 -7.65 15.90 5.97
C SER E 64 -8.59 15.04 5.16
N LEU E 65 -9.89 15.19 5.44
CA LEU E 65 -10.93 14.65 4.58
C LEU E 65 -11.50 15.69 3.65
N LYS E 66 -11.19 16.96 3.85
CA LYS E 66 -11.81 18.03 3.08
C LYS E 66 -11.30 18.10 1.65
N ALA E 67 -10.33 17.28 1.28
CA ALA E 67 -9.93 17.20 -0.12
C ALA E 67 -11.00 16.56 -0.98
N TYR E 68 -11.85 15.73 -0.39
CA TYR E 68 -12.88 15.06 -1.18
C TYR E 68 -14.18 15.84 -1.26
N GLN E 69 -14.37 16.84 -0.41
CA GLN E 69 -15.62 17.58 -0.38
C GLN E 69 -15.54 18.78 -1.30
N ILE E 70 -16.57 18.97 -2.12
CA ILE E 70 -16.63 20.09 -3.06
C ILE E 70 -17.64 21.09 -2.53
N PRO E 71 -17.22 22.26 -2.07
CA PRO E 71 -18.14 23.17 -1.39
C PRO E 71 -19.10 23.82 -2.36
N VAL E 72 -20.39 23.70 -2.06
CA VAL E 72 -21.47 24.22 -2.87
C VAL E 72 -22.41 24.99 -1.96
N GLN E 73 -22.66 26.25 -2.29
CA GLN E 73 -23.56 27.05 -1.47
C GLN E 73 -24.50 27.86 -2.34
N SER E 74 -25.53 28.44 -1.73
CA SER E 74 -26.48 29.29 -2.44
C SER E 74 -25.80 30.61 -2.76
N ASN E 75 -26.15 31.18 -3.90
CA ASN E 75 -25.56 32.44 -4.31
C ASN E 75 -26.65 33.51 -4.43
N SER E 76 -26.24 34.68 -4.92
CA SER E 76 -27.18 35.73 -5.28
C SER E 76 -27.34 35.91 -6.78
N ASP E 77 -26.24 35.86 -7.53
CA ASP E 77 -26.26 35.89 -8.98
C ASP E 77 -26.13 34.47 -9.50
N ASN E 78 -25.98 34.33 -10.81
CA ASN E 78 -25.94 33.02 -11.44
C ASN E 78 -24.73 32.94 -12.36
N GLY E 79 -24.45 31.73 -12.83
CA GLY E 79 -23.41 31.51 -13.81
C GLY E 79 -22.03 31.29 -13.27
N LYS E 80 -21.91 30.91 -12.00
CA LYS E 80 -20.59 30.68 -11.44
C LYS E 80 -20.07 29.30 -11.86
N GLN E 81 -18.76 29.14 -11.79
CA GLN E 81 -18.11 27.88 -12.10
C GLN E 81 -17.76 27.15 -10.82
N VAL E 82 -18.13 25.88 -10.74
CA VAL E 82 -17.94 25.11 -9.53
C VAL E 82 -16.51 24.63 -9.44
N PHE E 83 -16.06 23.86 -10.42
CA PHE E 83 -14.67 23.43 -10.46
C PHE E 83 -14.24 23.28 -11.90
N GLY E 84 -13.04 22.74 -12.08
CA GLY E 84 -12.50 22.48 -13.40
C GLY E 84 -11.10 21.94 -13.30
N PHE E 85 -10.80 20.90 -14.08
CA PHE E 85 -9.49 20.28 -14.06
C PHE E 85 -9.30 19.54 -15.37
N PRO E 86 -8.08 19.44 -15.88
CA PRO E 86 -7.88 18.68 -17.11
C PRO E 86 -7.99 17.19 -16.86
N LEU E 87 -8.36 16.46 -17.90
CA LEU E 87 -8.59 15.03 -17.81
C LEU E 87 -7.37 14.30 -18.38
N GLN E 88 -6.47 13.94 -17.47
CA GLN E 88 -5.31 13.11 -17.80
C GLN E 88 -5.15 12.11 -16.69
N PRO E 89 -5.57 10.85 -16.90
CA PRO E 89 -5.62 9.90 -15.78
C PRO E 89 -4.27 9.34 -15.37
N GLY E 90 -3.19 9.74 -16.03
CA GLY E 90 -1.88 9.27 -15.63
C GLY E 90 -0.92 10.43 -15.42
N ALA E 91 -1.37 11.64 -15.70
CA ALA E 91 -0.52 12.80 -15.62
C ALA E 91 -0.97 13.83 -14.60
N ASN E 92 -2.27 14.08 -14.49
CA ASN E 92 -2.75 15.07 -13.54
C ASN E 92 -2.69 14.52 -12.12
N ASN E 93 -2.31 15.38 -11.18
CA ASN E 93 -2.23 14.98 -9.79
C ASN E 93 -3.59 14.75 -9.15
N VAL E 94 -4.66 15.31 -9.74
CA VAL E 94 -5.98 15.16 -9.17
C VAL E 94 -6.48 13.74 -9.35
N LEU E 95 -6.30 13.17 -10.53
CA LEU E 95 -6.67 11.80 -10.80
C LEU E 95 -5.49 10.85 -10.65
N ASN E 96 -4.44 11.26 -9.98
CA ASN E 96 -3.26 10.40 -9.90
C ASN E 96 -3.43 9.31 -8.87
N ARG E 97 -3.59 9.69 -7.61
CA ARG E 97 -3.58 8.74 -6.51
C ARG E 97 -4.92 8.08 -6.27
N THR E 98 -5.89 8.27 -7.16
CA THR E 98 -7.11 7.49 -7.10
C THR E 98 -6.84 6.10 -7.67
N LEU E 99 -7.83 5.23 -7.50
CA LEU E 99 -7.67 3.82 -7.86
C LEU E 99 -7.56 3.61 -9.36
N LEU E 100 -8.30 4.37 -10.16
CA LEU E 100 -8.13 4.27 -11.60
C LEU E 100 -6.82 4.88 -12.04
N GLY E 101 -6.40 5.95 -11.38
CA GLY E 101 -5.10 6.53 -11.68
C GLY E 101 -3.93 5.67 -11.31
N GLU E 102 -4.10 4.83 -10.29
CA GLU E 102 -3.01 3.96 -9.88
C GLU E 102 -2.76 2.84 -10.87
N ILE E 103 -3.82 2.22 -11.37
CA ILE E 103 -3.67 1.15 -12.35
C ILE E 103 -3.14 1.72 -13.66
N LEU E 104 -3.54 2.95 -13.98
CA LEU E 104 -3.05 3.59 -15.19
C LEU E 104 -1.58 3.95 -15.12
N ASN E 105 -1.03 4.09 -13.92
CA ASN E 105 0.39 4.38 -13.80
C ASN E 105 1.26 3.17 -14.03
N TYR E 106 0.68 1.98 -14.14
CA TYR E 106 1.46 0.79 -14.44
C TYR E 106 1.60 0.53 -15.93
N TYR E 107 1.01 1.37 -16.76
CA TYR E 107 1.07 1.18 -18.20
C TYR E 107 1.50 2.46 -18.86
N THR E 108 1.49 2.45 -20.20
CA THR E 108 1.73 3.64 -21.00
C THR E 108 0.54 4.02 -21.85
N HIS E 109 -0.07 3.06 -22.52
CA HIS E 109 -1.13 3.33 -23.46
C HIS E 109 -2.46 2.89 -22.88
N TRP E 110 -3.52 3.56 -23.31
CA TRP E 110 -4.85 3.28 -22.79
C TRP E 110 -5.87 3.84 -23.76
N SER E 111 -7.08 3.28 -23.69
CA SER E 111 -8.23 3.82 -24.39
C SER E 111 -9.49 3.31 -23.72
N GLY E 112 -10.60 3.98 -24.00
CA GLY E 112 -11.88 3.65 -23.44
C GLY E 112 -12.58 4.86 -22.87
N SER E 113 -13.88 4.71 -22.67
CA SER E 113 -14.69 5.79 -22.14
C SER E 113 -14.68 5.76 -20.62
N ILE E 114 -14.88 6.92 -20.02
CA ILE E 114 -14.76 7.10 -18.58
C ILE E 114 -16.08 7.62 -18.03
N LYS E 115 -16.63 6.92 -17.04
CA LYS E 115 -17.82 7.41 -16.36
C LYS E 115 -17.43 8.41 -15.29
N LEU E 116 -18.38 9.26 -14.92
CA LEU E 116 -18.18 10.23 -13.85
C LEU E 116 -19.46 10.31 -13.04
N THR E 117 -19.49 9.62 -11.90
CA THR E 117 -20.67 9.56 -11.07
C THR E 117 -20.62 10.65 -10.02
N PHE E 118 -21.75 11.33 -9.83
CA PHE E 118 -21.84 12.46 -8.91
C PHE E 118 -23.00 12.24 -7.97
N MET E 119 -22.74 12.39 -6.68
CA MET E 119 -23.76 12.22 -5.66
C MET E 119 -23.93 13.52 -4.89
N PHE E 120 -25.17 13.98 -4.79
CA PHE E 120 -25.49 15.21 -4.09
C PHE E 120 -25.82 14.87 -2.65
N CYS E 121 -24.89 15.14 -1.76
CA CYS E 121 -25.05 14.85 -0.33
C CYS E 121 -25.60 16.04 0.45
N GLY E 122 -26.70 16.61 -0.02
CA GLY E 122 -27.30 17.75 0.64
C GLY E 122 -28.53 17.36 1.45
N SER E 123 -29.31 18.36 1.82
CA SER E 123 -30.54 18.14 2.55
C SER E 123 -31.61 17.55 1.64
N ALA E 124 -32.70 17.12 2.26
CA ALA E 124 -33.84 16.65 1.48
C ALA E 124 -34.70 17.78 0.95
N MET E 125 -34.65 18.95 1.59
CA MET E 125 -35.42 20.09 1.14
C MET E 125 -34.65 20.99 0.19
N ALA E 126 -33.43 20.60 -0.17
CA ALA E 126 -32.64 21.38 -1.10
C ALA E 126 -32.94 20.95 -2.53
N THR E 127 -32.76 21.87 -3.45
CA THR E 127 -33.04 21.67 -4.87
C THR E 127 -32.10 22.55 -5.69
N GLY E 128 -31.60 22.00 -6.78
CA GLY E 128 -30.76 22.75 -7.68
C GLY E 128 -30.57 22.03 -8.99
N LYS E 129 -30.11 22.78 -9.98
CA LYS E 129 -29.85 22.24 -11.30
C LYS E 129 -28.41 22.55 -11.66
N PHE E 130 -27.76 21.66 -12.39
CA PHE E 130 -26.35 21.84 -12.70
C PHE E 130 -26.07 21.50 -14.14
N LEU E 131 -24.97 22.07 -14.63
CA LEU E 131 -24.47 21.85 -15.97
C LEU E 131 -23.11 21.19 -15.86
N LEU E 132 -23.05 19.90 -16.10
CA LEU E 132 -21.81 19.13 -16.12
C LEU E 132 -21.33 19.10 -17.56
N ALA E 133 -20.28 19.84 -17.86
CA ALA E 133 -19.86 20.02 -19.23
C ALA E 133 -18.47 19.48 -19.47
N TYR E 134 -18.29 18.88 -20.64
CA TYR E 134 -16.99 18.41 -21.10
C TYR E 134 -16.68 19.11 -22.41
N SER E 135 -15.43 19.52 -22.58
CA SER E 135 -15.02 20.13 -23.82
C SER E 135 -13.82 19.40 -24.39
N PRO E 136 -13.84 19.01 -25.65
CA PRO E 136 -12.65 18.46 -26.29
C PRO E 136 -11.60 19.54 -26.47
N PRO E 137 -10.33 19.19 -26.59
CA PRO E 137 -9.29 20.21 -26.72
C PRO E 137 -9.31 20.86 -28.09
N GLY E 138 -8.44 21.84 -28.25
CA GLY E 138 -8.37 22.60 -29.48
C GLY E 138 -8.53 24.08 -29.23
N ALA E 139 -9.41 24.41 -28.30
CA ALA E 139 -9.48 25.75 -27.76
C ALA E 139 -9.05 25.70 -26.30
N GLY E 140 -9.12 26.83 -25.61
CA GLY E 140 -8.79 26.90 -24.21
C GLY E 140 -9.89 26.33 -23.34
N VAL E 141 -9.71 26.49 -22.03
CA VAL E 141 -10.73 26.10 -21.07
C VAL E 141 -11.88 27.09 -21.22
N PRO E 142 -13.13 26.64 -21.25
CA PRO E 142 -14.26 27.58 -21.35
C PRO E 142 -14.35 28.47 -20.12
N LYS E 143 -14.86 29.68 -20.31
CA LYS E 143 -14.80 30.69 -19.26
C LYS E 143 -16.17 31.14 -18.78
N ASN E 144 -17.23 30.92 -19.54
CA ASN E 144 -18.58 31.26 -19.12
C ASN E 144 -19.47 30.06 -19.35
N ARG E 145 -20.67 30.15 -18.78
CA ARG E 145 -21.69 29.13 -19.00
C ARG E 145 -22.11 29.05 -20.45
N LYS E 146 -22.09 30.17 -21.16
CA LYS E 146 -22.39 30.14 -22.59
C LYS E 146 -21.38 29.38 -23.44
N ASP E 147 -20.10 29.42 -23.05
CA ASP E 147 -19.09 28.73 -23.83
C ASP E 147 -19.05 27.22 -23.59
N ALA E 148 -19.49 26.79 -22.43
CA ALA E 148 -19.38 25.40 -22.07
C ALA E 148 -20.53 24.63 -22.69
N MET E 149 -21.65 25.28 -22.98
CA MET E 149 -22.79 24.55 -23.53
C MET E 149 -22.58 24.16 -24.98
N LEU E 150 -21.58 24.73 -25.65
CA LEU E 150 -21.19 24.28 -26.98
C LEU E 150 -20.43 22.97 -26.96
N GLY E 151 -20.00 22.50 -25.80
CA GLY E 151 -19.35 21.22 -25.68
C GLY E 151 -20.36 20.10 -25.50
N THR E 152 -19.83 18.90 -25.20
CA THR E 152 -20.68 17.77 -24.87
C THR E 152 -20.96 17.81 -23.37
N HIS E 153 -22.23 17.84 -23.02
CA HIS E 153 -22.65 18.12 -21.65
C HIS E 153 -23.95 17.41 -21.34
N VAL E 154 -24.34 17.47 -20.08
CA VAL E 154 -25.65 17.01 -19.63
C VAL E 154 -26.10 17.92 -18.51
N ILE E 155 -27.41 18.13 -18.41
CA ILE E 155 -27.98 19.03 -17.42
C ILE E 155 -28.63 18.18 -16.36
N TRP E 156 -27.94 18.02 -15.25
CA TRP E 156 -28.41 17.19 -14.15
C TRP E 156 -29.26 18.04 -13.24
N ASP E 157 -30.44 17.54 -12.90
CA ASP E 157 -31.29 18.11 -11.88
C ASP E 157 -31.36 17.11 -10.75
N VAL E 158 -31.21 17.58 -9.53
CA VAL E 158 -31.32 16.70 -8.37
C VAL E 158 -32.78 16.33 -8.19
N GLY E 159 -33.03 15.13 -7.66
CA GLY E 159 -34.39 14.70 -7.40
C GLY E 159 -34.45 13.64 -6.31
N LEU E 160 -35.32 12.65 -6.48
CA LEU E 160 -35.35 11.53 -5.53
C LEU E 160 -34.12 10.66 -5.69
N GLN E 161 -33.76 10.35 -6.94
CA GLN E 161 -32.45 9.79 -7.20
C GLN E 161 -31.40 10.86 -6.94
N SER E 162 -30.62 10.70 -5.88
CA SER E 162 -29.61 11.67 -5.50
C SER E 162 -28.28 11.43 -6.19
N SER E 163 -28.28 10.77 -7.34
CA SER E 163 -27.07 10.48 -8.08
C SER E 163 -27.24 10.90 -9.53
N CYS E 164 -26.10 11.07 -10.20
CA CYS E 164 -26.08 11.31 -11.63
C CYS E 164 -24.76 10.80 -12.17
N VAL E 165 -24.72 10.56 -13.48
CA VAL E 165 -23.52 10.09 -14.14
C VAL E 165 -23.28 10.95 -15.38
N LEU E 166 -22.01 11.20 -15.66
CA LEU E 166 -21.56 11.78 -16.92
C LEU E 166 -20.73 10.71 -17.59
N CYS E 167 -20.87 10.57 -18.90
CA CYS E 167 -20.05 9.64 -19.64
C CYS E 167 -19.34 10.41 -20.74
N VAL E 168 -18.08 10.76 -20.50
CA VAL E 168 -17.29 11.43 -21.53
C VAL E 168 -16.88 10.39 -22.57
N PRO E 169 -17.15 10.62 -23.83
CA PRO E 169 -16.86 9.59 -24.83
C PRO E 169 -15.41 9.62 -25.28
N TRP E 170 -15.01 8.60 -26.02
CA TRP E 170 -13.63 8.47 -26.47
C TRP E 170 -13.50 9.15 -27.82
N ILE E 171 -12.94 10.35 -27.82
CA ILE E 171 -12.75 11.14 -29.03
C ILE E 171 -11.26 11.37 -29.18
N SER E 172 -10.64 10.67 -30.13
CA SER E 172 -9.20 10.75 -30.27
C SER E 172 -8.81 10.55 -31.72
N GLN E 173 -7.79 11.27 -32.14
CA GLN E 173 -7.23 11.07 -33.47
C GLN E 173 -6.44 9.78 -33.55
N THR E 174 -5.95 9.31 -32.41
CA THR E 174 -5.16 8.09 -32.32
C THR E 174 -6.03 7.01 -31.69
N HIS E 175 -5.62 5.75 -31.85
CA HIS E 175 -6.36 4.69 -31.17
C HIS E 175 -6.04 4.63 -29.69
N TYR E 176 -4.92 5.18 -29.26
CA TYR E 176 -4.55 5.17 -27.85
C TYR E 176 -3.90 6.48 -27.47
N ARG E 177 -3.74 6.69 -26.18
CA ARG E 177 -3.12 7.90 -25.67
C ARG E 177 -2.06 7.53 -24.65
N TYR E 178 -1.16 8.46 -24.40
CA TYR E 178 -0.11 8.27 -23.41
C TYR E 178 -0.63 8.62 -22.04
N VAL E 179 -0.09 7.95 -21.02
CA VAL E 179 -0.36 8.38 -19.65
C VAL E 179 0.59 9.50 -19.27
N VAL E 180 1.68 9.64 -20.00
CA VAL E 180 2.59 10.74 -19.77
C VAL E 180 2.06 12.00 -20.45
N GLU E 181 2.18 13.12 -19.75
CA GLU E 181 1.75 14.44 -20.22
C GLU E 181 2.43 14.78 -21.55
N ASP E 182 1.64 15.25 -22.53
CA ASP E 182 2.14 15.66 -23.83
C ASP E 182 1.19 16.65 -24.47
N GLU E 183 1.73 17.56 -25.30
CA GLU E 183 0.89 18.41 -26.14
C GLU E 183 0.11 17.61 -27.15
N TYR E 184 0.69 16.52 -27.67
CA TYR E 184 0.11 15.86 -28.84
C TYR E 184 -1.15 15.10 -28.50
N THR E 185 -1.26 14.55 -27.30
CA THR E 185 -2.41 13.71 -27.00
C THR E 185 -3.17 14.21 -25.79
N ALA E 186 -3.49 15.50 -25.77
CA ALA E 186 -4.36 16.04 -24.73
C ALA E 186 -5.77 15.52 -24.91
N ALA E 187 -6.57 15.64 -23.85
CA ALA E 187 -7.89 15.05 -23.84
C ALA E 187 -9.01 16.03 -23.57
N GLY E 188 -8.71 17.25 -23.15
CA GLY E 188 -9.73 18.23 -22.88
C GLY E 188 -10.02 18.37 -21.41
N TYR E 189 -11.04 19.17 -21.11
CA TYR E 189 -11.32 19.58 -19.76
C TYR E 189 -12.74 19.23 -19.40
N VAL E 190 -12.98 19.10 -18.10
CA VAL E 190 -14.32 18.88 -17.57
C VAL E 190 -14.62 20.01 -16.60
N THR E 191 -15.79 20.61 -16.74
CA THR E 191 -16.20 21.70 -15.87
C THR E 191 -17.63 21.49 -15.41
N CYS E 192 -17.97 22.14 -14.32
CA CYS E 192 -19.31 22.08 -13.75
C CYS E 192 -19.76 23.49 -13.41
N TRP E 193 -20.99 23.82 -13.81
CA TRP E 193 -21.45 25.19 -13.71
C TRP E 193 -22.80 25.22 -13.02
N TYR E 194 -23.03 26.29 -12.27
CA TYR E 194 -24.31 26.53 -11.65
C TYR E 194 -25.33 26.82 -12.73
N GLN E 195 -26.22 25.87 -12.99
CA GLN E 195 -27.28 26.11 -13.95
C GLN E 195 -28.31 27.07 -13.37
N THR E 196 -28.78 26.78 -12.17
CA THR E 196 -29.59 27.69 -11.38
C THR E 196 -28.89 27.94 -10.06
N ASN E 197 -29.58 28.60 -9.14
CA ASN E 197 -29.07 28.73 -7.80
C ASN E 197 -29.44 27.50 -6.98
N ILE E 198 -29.19 27.58 -5.68
CA ILE E 198 -29.56 26.50 -4.77
C ILE E 198 -30.69 27.00 -3.89
N VAL E 199 -31.86 26.41 -4.06
CA VAL E 199 -33.06 26.80 -3.32
C VAL E 199 -33.02 26.11 -1.97
N VAL E 200 -33.09 26.89 -0.91
CA VAL E 200 -33.17 26.34 0.44
C VAL E 200 -34.30 27.01 1.21
N PRO E 201 -35.01 26.29 2.04
CA PRO E 201 -36.03 26.92 2.89
C PRO E 201 -35.41 27.55 4.12
N ALA E 202 -36.24 28.04 5.03
CA ALA E 202 -35.73 28.55 6.30
C ALA E 202 -35.27 27.39 7.17
N ASP E 203 -34.44 27.73 8.17
CA ASP E 203 -33.93 26.82 9.19
C ASP E 203 -33.12 25.66 8.59
N VAL E 204 -32.46 25.89 7.47
CA VAL E 204 -31.54 24.94 6.87
C VAL E 204 -30.21 25.64 6.67
N GLN E 205 -29.11 24.92 6.90
CA GLN E 205 -27.79 25.40 6.53
C GLN E 205 -27.72 25.60 5.02
N SER E 206 -27.06 26.66 4.59
CA SER E 206 -26.96 26.93 3.17
C SER E 206 -25.71 26.35 2.52
N SER E 207 -24.90 25.60 3.26
CA SER E 207 -23.67 25.04 2.73
C SER E 207 -23.84 23.54 2.56
N CYS E 208 -24.09 23.11 1.34
CA CYS E 208 -24.18 21.72 0.99
C CYS E 208 -22.84 21.27 0.41
N ASP E 209 -22.80 20.05 -0.09
CA ASP E 209 -21.60 19.53 -0.72
C ASP E 209 -22.00 18.52 -1.79
N ILE E 210 -21.04 18.15 -2.62
CA ILE E 210 -21.23 17.10 -3.62
C ILE E 210 -20.00 16.22 -3.61
N LEU E 211 -20.22 14.91 -3.71
CA LEU E 211 -19.14 13.96 -3.86
C LEU E 211 -18.99 13.58 -5.32
N CYS E 212 -17.81 13.06 -5.66
CA CYS E 212 -17.50 12.67 -7.01
C CYS E 212 -17.00 11.24 -7.05
N PHE E 213 -17.24 10.56 -8.16
CA PHE E 213 -16.71 9.24 -8.40
C PHE E 213 -16.14 9.18 -9.81
N VAL E 214 -15.30 8.18 -10.05
CA VAL E 214 -14.68 8.01 -11.35
C VAL E 214 -14.42 6.54 -11.59
N SER E 215 -14.87 6.05 -12.74
CA SER E 215 -14.67 4.65 -13.11
C SER E 215 -14.59 4.56 -14.62
N ALA E 216 -14.22 3.38 -15.11
CA ALA E 216 -14.13 3.13 -16.54
C ALA E 216 -15.36 2.36 -16.98
N CYS E 217 -15.64 2.42 -18.27
CA CYS E 217 -16.73 1.63 -18.84
C CYS E 217 -16.17 0.33 -19.37
N ASN E 218 -17.01 -0.43 -20.09
CA ASN E 218 -16.65 -1.77 -20.51
C ASN E 218 -15.73 -1.80 -21.72
N ASP E 219 -15.44 -0.66 -22.35
CA ASP E 219 -14.58 -0.62 -23.51
C ASP E 219 -13.13 -0.30 -23.16
N PHE E 220 -12.77 -0.44 -21.89
CA PHE E 220 -11.46 0.03 -21.44
C PHE E 220 -10.40 -1.01 -21.70
N SER E 221 -9.21 -0.53 -22.08
CA SER E 221 -8.10 -1.42 -22.36
C SER E 221 -6.80 -0.67 -22.18
N VAL E 222 -5.79 -1.35 -21.65
CA VAL E 222 -4.47 -0.79 -21.49
C VAL E 222 -3.48 -1.64 -22.26
N ARG E 223 -2.21 -1.23 -22.20
CA ARG E 223 -1.19 -1.81 -23.07
C ARG E 223 0.17 -1.36 -22.57
N MET E 224 1.20 -2.17 -22.85
CA MET E 224 2.62 -1.81 -22.72
C MET E 224 2.96 -1.45 -21.27
N LEU E 225 2.97 -2.49 -20.44
CA LEU E 225 3.28 -2.36 -19.03
C LEU E 225 4.64 -1.72 -18.79
N LYS E 226 4.69 -0.80 -17.84
CA LYS E 226 5.92 -0.14 -17.46
C LYS E 226 6.06 -0.25 -15.96
N ASP E 227 7.08 0.41 -15.42
CA ASP E 227 7.35 0.40 -13.99
C ASP E 227 6.95 1.73 -13.38
N THR E 228 6.29 1.68 -12.23
CA THR E 228 5.62 2.85 -11.68
C THR E 228 6.62 3.82 -11.06
N PRO E 229 6.39 5.13 -11.19
CA PRO E 229 7.33 6.12 -10.64
C PRO E 229 7.01 6.62 -9.25
N PHE E 230 6.07 6.00 -8.54
CA PHE E 230 5.66 6.53 -7.24
C PHE E 230 6.59 6.15 -6.11
N ILE E 231 6.73 4.89 -5.84
CA ILE E 231 7.51 4.43 -4.69
C ILE E 231 8.99 4.51 -5.05
N ARG E 232 9.83 4.68 -4.05
CA ARG E 232 11.27 4.73 -4.27
C ARG E 232 11.97 4.25 -3.02
N GLN E 233 13.08 3.54 -3.21
CA GLN E 233 13.74 2.79 -2.16
C GLN E 233 15.24 2.93 -2.36
N ASP E 234 15.96 3.15 -1.26
CA ASP E 234 17.40 3.36 -1.33
C ASP E 234 18.16 2.22 -0.68
N THR E 235 17.90 1.93 0.59
CA THR E 235 18.50 0.79 1.26
C THR E 235 17.45 -0.30 1.39
N PHE E 236 17.86 -1.43 1.94
CA PHE E 236 16.92 -2.53 2.08
C PHE E 236 16.01 -2.32 3.26
N TYR E 237 14.77 -2.75 3.10
CA TYR E 237 13.86 -2.85 4.23
C TYR E 237 14.31 -3.99 5.12
N GLN E 238 14.21 -3.80 6.43
CA GLN E 238 14.50 -4.85 7.38
C GLN E 238 13.57 -4.74 8.57
N MET F 1 3.19 -37.77 -30.66
CA MET F 1 4.12 -37.42 -29.58
C MET F 1 3.63 -36.20 -28.83
N GLY F 2 2.36 -36.23 -28.42
CA GLY F 2 1.74 -35.08 -27.80
C GLY F 2 1.57 -33.97 -28.82
N ALA F 3 2.34 -32.89 -28.63
CA ALA F 3 2.51 -31.80 -29.60
C ALA F 3 1.17 -31.13 -29.92
N GLN F 4 0.60 -30.50 -28.90
CA GLN F 4 -0.59 -29.70 -29.11
C GLN F 4 -0.23 -28.47 -29.94
N VAL F 5 -1.13 -28.10 -30.84
CA VAL F 5 -0.87 -27.06 -31.81
C VAL F 5 -1.86 -25.94 -31.58
N SER F 6 -1.37 -24.81 -31.07
CA SER F 6 -2.22 -23.65 -30.81
C SER F 6 -1.71 -22.46 -31.60
N THR F 7 -2.58 -21.47 -31.74
CA THR F 7 -2.30 -20.28 -32.52
C THR F 7 -1.60 -19.23 -31.67
N GLN F 8 -1.01 -18.25 -32.34
CA GLN F 8 -0.29 -17.19 -31.67
C GLN F 8 -1.16 -15.94 -31.61
N LYS F 9 -0.83 -15.05 -30.67
CA LYS F 9 -1.40 -13.72 -30.57
C LYS F 9 -1.07 -12.94 -31.84
N THR F 10 -2.07 -12.27 -32.40
CA THR F 10 -1.92 -11.57 -33.67
C THR F 10 -2.81 -10.33 -33.68
N GLY F 11 -2.82 -9.64 -34.83
CA GLY F 11 -3.70 -8.51 -35.04
C GLY F 11 -4.84 -8.86 -35.99
N ALA F 12 -5.70 -7.88 -36.21
CA ALA F 12 -6.85 -8.06 -37.08
C ALA F 12 -6.59 -7.47 -38.46
N ILE F 25 -1.79 -19.19 -38.04
CA ILE F 25 -0.38 -19.19 -37.69
C ILE F 25 -0.20 -19.83 -36.32
N HIS F 26 0.57 -20.92 -36.29
CA HIS F 26 0.60 -21.80 -35.13
C HIS F 26 2.01 -22.03 -34.64
N TYR F 27 2.10 -22.82 -33.57
CA TYR F 27 3.36 -23.26 -33.00
C TYR F 27 3.12 -24.54 -32.22
N THR F 28 4.16 -25.34 -32.08
CA THR F 28 4.08 -26.61 -31.37
C THR F 28 4.99 -26.55 -30.15
N ASN F 29 4.61 -27.27 -29.11
CA ASN F 29 5.39 -27.32 -27.87
C ASN F 29 5.05 -28.58 -27.11
N ILE F 30 6.07 -29.22 -26.55
CA ILE F 30 5.90 -30.47 -25.83
C ILE F 30 6.52 -30.30 -24.45
N ASN F 31 5.80 -30.77 -23.43
CA ASN F 31 6.30 -30.71 -22.07
C ASN F 31 7.33 -31.81 -21.86
N TYR F 32 8.54 -31.43 -21.48
CA TYR F 32 9.62 -32.38 -21.33
C TYR F 32 9.79 -32.91 -19.92
N TYR F 33 9.22 -32.26 -18.92
CA TYR F 33 9.38 -32.71 -17.54
C TYR F 33 8.06 -33.30 -17.06
N LYS F 34 8.17 -34.33 -16.23
CA LYS F 34 6.98 -35.13 -15.96
C LYS F 34 6.06 -34.53 -14.90
N ASP F 35 6.55 -33.66 -14.04
CA ASP F 35 5.66 -32.93 -13.13
C ASP F 35 4.96 -31.85 -13.92
N ALA F 36 3.75 -31.51 -13.50
CA ALA F 36 3.01 -30.46 -14.19
C ALA F 36 3.43 -29.07 -13.77
N ALA F 37 4.12 -28.93 -12.64
CA ALA F 37 4.48 -27.64 -12.09
C ALA F 37 5.77 -27.10 -12.68
N SER F 38 6.19 -27.59 -13.83
CA SER F 38 7.39 -27.09 -14.47
C SER F 38 7.14 -26.68 -15.91
N ASN F 39 5.88 -26.65 -16.34
CA ASN F 39 5.57 -26.28 -17.71
C ASN F 39 5.67 -24.77 -17.89
N SER F 40 5.40 -24.33 -19.11
CA SER F 40 5.49 -22.92 -19.45
C SER F 40 4.36 -22.13 -18.81
N ALA F 41 4.43 -20.81 -18.96
CA ALA F 41 3.37 -19.94 -18.49
C ALA F 41 2.11 -20.13 -19.33
N ASN F 42 0.98 -19.75 -18.76
CA ASN F 42 -0.28 -19.94 -19.47
C ASN F 42 -0.45 -18.89 -20.55
N ARG F 43 -0.54 -17.62 -20.16
CA ARG F 43 -0.54 -16.43 -21.00
C ARG F 43 -1.72 -16.32 -21.96
N GLN F 44 -2.66 -17.28 -21.93
CA GLN F 44 -3.70 -17.33 -22.96
C GLN F 44 -5.08 -17.58 -22.36
N ASP F 45 -5.28 -17.25 -21.09
CA ASP F 45 -6.55 -17.47 -20.44
C ASP F 45 -7.27 -16.13 -20.42
N PHE F 46 -8.37 -16.04 -21.15
CA PHE F 46 -9.13 -14.80 -21.30
C PHE F 46 -10.56 -15.03 -20.85
N THR F 47 -10.78 -14.93 -19.54
CA THR F 47 -12.12 -15.00 -18.97
C THR F 47 -12.36 -13.73 -18.17
N GLN F 48 -13.54 -13.15 -18.33
CA GLN F 48 -13.89 -11.93 -17.63
C GLN F 48 -15.20 -12.14 -16.90
N ASP F 49 -15.18 -11.97 -15.58
CA ASP F 49 -16.39 -12.06 -14.76
C ASP F 49 -16.50 -10.77 -13.95
N PRO F 50 -17.08 -9.73 -14.54
CA PRO F 50 -17.14 -8.43 -13.84
C PRO F 50 -18.30 -8.29 -12.89
N GLY F 51 -19.33 -9.14 -12.99
CA GLY F 51 -20.54 -8.98 -12.19
C GLY F 51 -20.36 -9.20 -10.71
N LYS F 52 -19.35 -9.97 -10.33
CA LYS F 52 -19.07 -10.24 -8.92
C LYS F 52 -18.40 -9.07 -8.21
N PHE F 53 -18.08 -7.99 -8.93
CA PHE F 53 -17.61 -6.76 -8.32
C PHE F 53 -18.41 -5.54 -8.72
N THR F 54 -18.94 -5.52 -9.94
CA THR F 54 -19.72 -4.40 -10.40
C THR F 54 -21.19 -4.51 -10.04
N GLU F 55 -21.72 -5.73 -9.96
CA GLU F 55 -23.13 -5.96 -9.64
C GLU F 55 -23.24 -6.86 -8.41
N PRO F 56 -22.82 -6.39 -7.24
CA PRO F 56 -22.83 -7.24 -6.04
C PRO F 56 -24.13 -7.13 -5.27
N VAL F 57 -25.25 -7.16 -5.98
CA VAL F 57 -26.56 -6.88 -5.38
C VAL F 57 -27.40 -8.15 -5.49
N LYS F 58 -28.25 -8.38 -4.49
CA LYS F 58 -29.13 -9.55 -4.51
C LYS F 58 -30.11 -9.48 -5.67
N ASP F 59 -30.90 -8.41 -5.75
CA ASP F 59 -31.86 -8.27 -6.83
C ASP F 59 -31.25 -7.41 -7.92
N ILE F 60 -31.42 -7.84 -9.17
CA ILE F 60 -30.83 -7.15 -10.31
C ILE F 60 -31.59 -5.88 -10.59
N MET F 61 -30.86 -4.78 -10.75
CA MET F 61 -31.44 -3.49 -11.10
C MET F 61 -31.07 -3.15 -12.55
N VAL F 62 -32.05 -3.14 -13.41
CA VAL F 62 -31.84 -2.89 -14.83
C VAL F 62 -31.56 -1.42 -15.04
N LYS F 63 -30.91 -1.10 -16.15
CA LYS F 63 -30.43 0.27 -16.37
C LYS F 63 -31.57 1.19 -16.81
N THR F 64 -32.65 0.63 -17.34
CA THR F 64 -33.69 1.47 -17.91
C THR F 64 -34.70 1.95 -16.89
N MET F 65 -35.05 1.13 -15.91
CA MET F 65 -35.96 1.53 -14.87
C MET F 65 -35.19 2.25 -13.77
N PRO F 66 -35.86 3.10 -12.99
CA PRO F 66 -35.20 3.73 -11.84
C PRO F 66 -34.81 2.71 -10.78
N ALA F 67 -33.80 3.07 -9.99
CA ALA F 67 -33.24 2.12 -9.04
C ALA F 67 -34.13 1.99 -7.79
N LEU F 68 -34.44 3.12 -7.15
CA LEU F 68 -35.27 3.12 -5.94
C LEU F 68 -36.73 3.22 -6.34
N ASN F 69 -37.41 2.07 -6.34
CA ASN F 69 -38.82 2.01 -6.67
C ASN F 69 -39.66 2.29 -5.43
#